data_2Y1B
# 
_entry.id   2Y1B 
# 
_audit_conform.dict_name       mmcif_pdbx.dic 
_audit_conform.dict_version    5.397 
_audit_conform.dict_location   http://mmcif.pdb.org/dictionaries/ascii/mmcif_pdbx.dic 
# 
loop_
_database_2.database_id 
_database_2.database_code 
_database_2.pdbx_database_accession 
_database_2.pdbx_DOI 
PDB   2Y1B         pdb_00002y1b 10.2210/pdb2y1b/pdb 
PDBE  EBI-46517    ?            ?                   
WWPDB D_1290046517 ?            ?                   
# 
loop_
_pdbx_audit_revision_history.ordinal 
_pdbx_audit_revision_history.data_content_type 
_pdbx_audit_revision_history.major_revision 
_pdbx_audit_revision_history.minor_revision 
_pdbx_audit_revision_history.revision_date 
1 'Structure model' 1 0 2011-03-16 
2 'Structure model' 1 1 2011-05-12 
3 'Structure model' 1 2 2011-07-13 
4 'Structure model' 1 3 2019-05-08 
5 'Structure model' 1 4 2019-07-17 
6 'Structure model' 1 5 2024-10-09 
# 
_pdbx_audit_revision_details.ordinal             1 
_pdbx_audit_revision_details.revision_ordinal    1 
_pdbx_audit_revision_details.data_content_type   'Structure model' 
_pdbx_audit_revision_details.provider            repository 
_pdbx_audit_revision_details.type                'Initial release' 
_pdbx_audit_revision_details.description         ? 
_pdbx_audit_revision_details.details             ? 
# 
loop_
_pdbx_audit_revision_group.ordinal 
_pdbx_audit_revision_group.revision_ordinal 
_pdbx_audit_revision_group.data_content_type 
_pdbx_audit_revision_group.group 
1  2 'Structure model' 'Version format compliance' 
2  3 'Structure model' 'Version format compliance' 
3  4 'Structure model' 'Data collection'           
4  4 'Structure model' 'Derived calculations'      
5  4 'Structure model' 'Experimental preparation'  
6  4 'Structure model' Other                       
7  5 'Structure model' 'Data collection'           
8  6 'Structure model' 'Data collection'           
9  6 'Structure model' 'Database references'       
10 6 'Structure model' 'Derived calculations'      
11 6 'Structure model' Other                       
12 6 'Structure model' 'Structure summary'         
# 
loop_
_pdbx_audit_revision_category.ordinal 
_pdbx_audit_revision_category.revision_ordinal 
_pdbx_audit_revision_category.data_content_type 
_pdbx_audit_revision_category.category 
1  4 'Structure model' database_PDB_rev             
2  4 'Structure model' database_PDB_rev_record      
3  4 'Structure model' exptl_crystal_grow           
4  4 'Structure model' pdbx_database_proc           
5  4 'Structure model' pdbx_database_status         
6  4 'Structure model' pdbx_struct_special_symmetry 
7  5 'Structure model' diffrn_source                
8  6 'Structure model' chem_comp_atom               
9  6 'Structure model' chem_comp_bond               
10 6 'Structure model' database_2                   
11 6 'Structure model' pdbx_database_status         
12 6 'Structure model' pdbx_entry_details           
13 6 'Structure model' pdbx_modification_feature    
14 6 'Structure model' struct_site                  
# 
loop_
_pdbx_audit_revision_item.ordinal 
_pdbx_audit_revision_item.revision_ordinal 
_pdbx_audit_revision_item.data_content_type 
_pdbx_audit_revision_item.item 
1  4 'Structure model' '_exptl_crystal_grow.method'                   
2  4 'Structure model' '_pdbx_database_status.recvd_author_approval'  
3  5 'Structure model' '_diffrn_source.pdbx_synchrotron_site'         
4  6 'Structure model' '_database_2.pdbx_DOI'                         
5  6 'Structure model' '_database_2.pdbx_database_accession'          
6  6 'Structure model' '_pdbx_database_status.status_code_sf'         
7  6 'Structure model' '_pdbx_entry_details.has_protein_modification' 
8  6 'Structure model' '_struct_site.pdbx_auth_asym_id'               
9  6 'Structure model' '_struct_site.pdbx_auth_comp_id'               
10 6 'Structure model' '_struct_site.pdbx_auth_seq_id'                
# 
_pdbx_database_status.status_code                     REL 
_pdbx_database_status.entry_id                        2Y1B 
_pdbx_database_status.deposit_site                    PDBE 
_pdbx_database_status.process_site                    PDBE 
_pdbx_database_status.SG_entry                        . 
_pdbx_database_status.recvd_initial_deposition_date   2010-12-07 
_pdbx_database_status.pdb_format_compatible           Y 
_pdbx_database_status.status_code_sf                  REL 
_pdbx_database_status.status_code_mr                  ? 
_pdbx_database_status.status_code_cs                  ? 
_pdbx_database_status.methods_development_category    ? 
_pdbx_database_status.status_code_nmr_data            ? 
# 
loop_
_audit_author.name 
_audit_author.pdbx_ordinal 
'Declercq, J.P.' 1 
'Leverrier, P.'  2 
'Boujtat, A.'    3 
'Collet, J.F.'   4 
# 
_citation.id                        primary 
_citation.title                     
'Crystal Structure of the Outer Membrane Protein Rcsf, a New Substrate for the Periplasmic Protein- Disulfide Isomerase Dsbc.' 
_citation.journal_abbrev            J.Biol.Chem. 
_citation.journal_volume            286 
_citation.page_first                16734 
_citation.page_last                 ? 
_citation.year                      2011 
_citation.journal_id_ASTM           JBCHA3 
_citation.country                   US 
_citation.journal_id_ISSN           0021-9258 
_citation.journal_id_CSD            0071 
_citation.book_publisher            ? 
_citation.pdbx_database_id_PubMed   21454485 
_citation.pdbx_database_id_DOI      10.1074/JBC.M111.224865 
# 
loop_
_citation_author.citation_id 
_citation_author.name 
_citation_author.ordinal 
_citation_author.identifier_ORCID 
primary 'Leverrier, P.'  1 ? 
primary 'Declercq, J.P.' 2 ? 
primary 'Denoncin, K.'   3 ? 
primary 'Vertommen, D.'  4 ? 
primary 'Hiniker, A.'    5 ? 
primary 'Cho, S.H.'      6 ? 
primary 'Collet, J.F.'   7 ? 
# 
loop_
_entity.id 
_entity.type 
_entity.src_method 
_entity.pdbx_description 
_entity.formula_weight 
_entity.pdbx_number_of_molecules 
_entity.pdbx_ec 
_entity.pdbx_mutation 
_entity.pdbx_fragment 
_entity.details 
1 polymer     man 'PUTATIVE OUTER MEMBRANE PROTEIN, SIGNAL'            13765.681 1  ? ? 'PERIPLASMIC DOMAIN, RESIDUES 17-134' ? 
2 non-polymer syn '5-amino-2,4,6-triiodobenzene-1,3-dicarboxylic acid' 558.835   1  ? ? ?                                     ? 
3 non-polymer syn 'SULFATE ION'                                        96.063    1  ? ? ?                                     ? 
4 water       nat water                                                18.015    46 ? ? ?                                     ? 
# 
_entity_name_com.entity_id   1 
_entity_name_com.name        'RCSF PROTEIN' 
# 
_entity_poly.entity_id                      1 
_entity_poly.type                           'polypeptide(L)' 
_entity_poly.nstd_linkage                   no 
_entity_poly.nstd_monomer                   no 
_entity_poly.pdbx_seq_one_letter_code       
;MGSMLSRSPVEPVQSTAPQPKAEPAKPKAPRATPVRIYTNAEELVGKPFRDLGEVSGDSCQASNQDSPPSIPTARKRMQI
NASKMKANAVLLHSCEVTSGTPGCYRQAVCIGSALNITAKLEHHHHHH
;
_entity_poly.pdbx_seq_one_letter_code_can   
;MGSMLSRSPVEPVQSTAPQPKAEPAKPKAPRATPVRIYTNAEELVGKPFRDLGEVSGDSCQASNQDSPPSIPTARKRMQI
NASKMKANAVLLHSCEVTSGTPGCYRQAVCIGSALNITAKLEHHHHHH
;
_entity_poly.pdbx_strand_id                 A 
_entity_poly.pdbx_target_identifier         ? 
# 
loop_
_pdbx_entity_nonpoly.entity_id 
_pdbx_entity_nonpoly.name 
_pdbx_entity_nonpoly.comp_id 
2 '5-amino-2,4,6-triiodobenzene-1,3-dicarboxylic acid' I3C 
3 'SULFATE ION'                                        SO4 
4 water                                                HOH 
# 
loop_
_entity_poly_seq.entity_id 
_entity_poly_seq.num 
_entity_poly_seq.mon_id 
_entity_poly_seq.hetero 
1 1   MET n 
1 2   GLY n 
1 3   SER n 
1 4   MET n 
1 5   LEU n 
1 6   SER n 
1 7   ARG n 
1 8   SER n 
1 9   PRO n 
1 10  VAL n 
1 11  GLU n 
1 12  PRO n 
1 13  VAL n 
1 14  GLN n 
1 15  SER n 
1 16  THR n 
1 17  ALA n 
1 18  PRO n 
1 19  GLN n 
1 20  PRO n 
1 21  LYS n 
1 22  ALA n 
1 23  GLU n 
1 24  PRO n 
1 25  ALA n 
1 26  LYS n 
1 27  PRO n 
1 28  LYS n 
1 29  ALA n 
1 30  PRO n 
1 31  ARG n 
1 32  ALA n 
1 33  THR n 
1 34  PRO n 
1 35  VAL n 
1 36  ARG n 
1 37  ILE n 
1 38  TYR n 
1 39  THR n 
1 40  ASN n 
1 41  ALA n 
1 42  GLU n 
1 43  GLU n 
1 44  LEU n 
1 45  VAL n 
1 46  GLY n 
1 47  LYS n 
1 48  PRO n 
1 49  PHE n 
1 50  ARG n 
1 51  ASP n 
1 52  LEU n 
1 53  GLY n 
1 54  GLU n 
1 55  VAL n 
1 56  SER n 
1 57  GLY n 
1 58  ASP n 
1 59  SER n 
1 60  CYS n 
1 61  GLN n 
1 62  ALA n 
1 63  SER n 
1 64  ASN n 
1 65  GLN n 
1 66  ASP n 
1 67  SER n 
1 68  PRO n 
1 69  PRO n 
1 70  SER n 
1 71  ILE n 
1 72  PRO n 
1 73  THR n 
1 74  ALA n 
1 75  ARG n 
1 76  LYS n 
1 77  ARG n 
1 78  MET n 
1 79  GLN n 
1 80  ILE n 
1 81  ASN n 
1 82  ALA n 
1 83  SER n 
1 84  LYS n 
1 85  MET n 
1 86  LYS n 
1 87  ALA n 
1 88  ASN n 
1 89  ALA n 
1 90  VAL n 
1 91  LEU n 
1 92  LEU n 
1 93  HIS n 
1 94  SER n 
1 95  CYS n 
1 96  GLU n 
1 97  VAL n 
1 98  THR n 
1 99  SER n 
1 100 GLY n 
1 101 THR n 
1 102 PRO n 
1 103 GLY n 
1 104 CYS n 
1 105 TYR n 
1 106 ARG n 
1 107 GLN n 
1 108 ALA n 
1 109 VAL n 
1 110 CYS n 
1 111 ILE n 
1 112 GLY n 
1 113 SER n 
1 114 ALA n 
1 115 LEU n 
1 116 ASN n 
1 117 ILE n 
1 118 THR n 
1 119 ALA n 
1 120 LYS n 
1 121 LEU n 
1 122 GLU n 
1 123 HIS n 
1 124 HIS n 
1 125 HIS n 
1 126 HIS n 
1 127 HIS n 
1 128 HIS n 
# 
_entity_src_gen.entity_id                          1 
_entity_src_gen.pdbx_src_id                        1 
_entity_src_gen.pdbx_alt_source_flag               sample 
_entity_src_gen.pdbx_seq_type                      ? 
_entity_src_gen.pdbx_beg_seq_num                   ? 
_entity_src_gen.pdbx_end_seq_num                   ? 
_entity_src_gen.gene_src_common_name               ? 
_entity_src_gen.gene_src_genus                     ? 
_entity_src_gen.pdbx_gene_src_gene                 ? 
_entity_src_gen.gene_src_species                   ? 
_entity_src_gen.gene_src_strain                    K-12 
_entity_src_gen.gene_src_tissue                    ? 
_entity_src_gen.gene_src_tissue_fraction           ? 
_entity_src_gen.gene_src_details                   ? 
_entity_src_gen.pdbx_gene_src_fragment             ? 
_entity_src_gen.pdbx_gene_src_scientific_name      'ESCHERICHIA COLI' 
_entity_src_gen.pdbx_gene_src_ncbi_taxonomy_id     83333 
_entity_src_gen.pdbx_gene_src_variant              MC1000 
_entity_src_gen.pdbx_gene_src_cell_line            ? 
_entity_src_gen.pdbx_gene_src_atcc                 ? 
_entity_src_gen.pdbx_gene_src_organ                ? 
_entity_src_gen.pdbx_gene_src_organelle            ? 
_entity_src_gen.pdbx_gene_src_cell                 ? 
_entity_src_gen.pdbx_gene_src_cellular_location    ? 
_entity_src_gen.host_org_common_name               ? 
_entity_src_gen.pdbx_host_org_scientific_name      'ESCHERICHIA COLI' 
_entity_src_gen.pdbx_host_org_ncbi_taxonomy_id     511693 
_entity_src_gen.host_org_genus                     ? 
_entity_src_gen.pdbx_host_org_gene                 ? 
_entity_src_gen.pdbx_host_org_organ                ? 
_entity_src_gen.host_org_species                   ? 
_entity_src_gen.pdbx_host_org_tissue               ? 
_entity_src_gen.pdbx_host_org_tissue_fraction      ? 
_entity_src_gen.pdbx_host_org_strain               BL21 
_entity_src_gen.pdbx_host_org_variant              'ROSETTA GAMI' 
_entity_src_gen.pdbx_host_org_cell_line            ? 
_entity_src_gen.pdbx_host_org_atcc                 ? 
_entity_src_gen.pdbx_host_org_culture_collection   ? 
_entity_src_gen.pdbx_host_org_cell                 ? 
_entity_src_gen.pdbx_host_org_organelle            ? 
_entity_src_gen.pdbx_host_org_cellular_location    ? 
_entity_src_gen.pdbx_host_org_vector_type          PLASMID 
_entity_src_gen.pdbx_host_org_vector               PET28A 
_entity_src_gen.host_org_details                   ? 
_entity_src_gen.expression_system_id               ? 
_entity_src_gen.plasmid_name                       ? 
_entity_src_gen.plasmid_details                    ? 
_entity_src_gen.pdbx_description                   ? 
# 
loop_
_chem_comp.id 
_chem_comp.type 
_chem_comp.mon_nstd_flag 
_chem_comp.name 
_chem_comp.pdbx_synonyms 
_chem_comp.formula 
_chem_comp.formula_weight 
ALA 'L-peptide linking' y ALANINE                                              ?                                       
'C3 H7 N O2'     89.093  
ARG 'L-peptide linking' y ARGININE                                             ?                                       
'C6 H15 N4 O2 1' 175.209 
ASN 'L-peptide linking' y ASPARAGINE                                           ?                                       
'C4 H8 N2 O3'    132.118 
ASP 'L-peptide linking' y 'ASPARTIC ACID'                                      ?                                       
'C4 H7 N O4'     133.103 
CYS 'L-peptide linking' y CYSTEINE                                             ?                                       
'C3 H7 N O2 S'   121.158 
GLN 'L-peptide linking' y GLUTAMINE                                            ?                                       
'C5 H10 N2 O3'   146.144 
GLU 'L-peptide linking' y 'GLUTAMIC ACID'                                      ?                                       
'C5 H9 N O4'     147.129 
GLY 'peptide linking'   y GLYCINE                                              ?                                       
'C2 H5 N O2'     75.067  
HIS 'L-peptide linking' y HISTIDINE                                            ?                                       
'C6 H10 N3 O2 1' 156.162 
HOH non-polymer         . WATER                                                ?                                       'H2 O' 
18.015  
I3C non-polymer         . '5-amino-2,4,6-triiodobenzene-1,3-dicarboxylic acid' '5-Amino-2,4,6-triiodoisophthalic acid' 
'C8 H4 I3 N O4'  558.835 
ILE 'L-peptide linking' y ISOLEUCINE                                           ?                                       
'C6 H13 N O2'    131.173 
LEU 'L-peptide linking' y LEUCINE                                              ?                                       
'C6 H13 N O2'    131.173 
LYS 'L-peptide linking' y LYSINE                                               ?                                       
'C6 H15 N2 O2 1' 147.195 
MET 'L-peptide linking' y METHIONINE                                           ?                                       
'C5 H11 N O2 S'  149.211 
PHE 'L-peptide linking' y PHENYLALANINE                                        ?                                       
'C9 H11 N O2'    165.189 
PRO 'L-peptide linking' y PROLINE                                              ?                                       
'C5 H9 N O2'     115.130 
SER 'L-peptide linking' y SERINE                                               ?                                       
'C3 H7 N O3'     105.093 
SO4 non-polymer         . 'SULFATE ION'                                        ?                                       'O4 S -2' 
96.063  
THR 'L-peptide linking' y THREONINE                                            ?                                       
'C4 H9 N O3'     119.119 
TYR 'L-peptide linking' y TYROSINE                                             ?                                       
'C9 H11 N O3'    181.189 
VAL 'L-peptide linking' y VALINE                                               ?                                       
'C5 H11 N O2'    117.146 
# 
loop_
_pdbx_poly_seq_scheme.asym_id 
_pdbx_poly_seq_scheme.entity_id 
_pdbx_poly_seq_scheme.seq_id 
_pdbx_poly_seq_scheme.mon_id 
_pdbx_poly_seq_scheme.ndb_seq_num 
_pdbx_poly_seq_scheme.pdb_seq_num 
_pdbx_poly_seq_scheme.auth_seq_num 
_pdbx_poly_seq_scheme.pdb_mon_id 
_pdbx_poly_seq_scheme.auth_mon_id 
_pdbx_poly_seq_scheme.pdb_strand_id 
_pdbx_poly_seq_scheme.pdb_ins_code 
_pdbx_poly_seq_scheme.hetero 
A 1 1   MET 1   15  ?   ?   ?   A . n 
A 1 2   GLY 2   16  ?   ?   ?   A . n 
A 1 3   SER 3   17  ?   ?   ?   A . n 
A 1 4   MET 4   18  ?   ?   ?   A . n 
A 1 5   LEU 5   19  ?   ?   ?   A . n 
A 1 6   SER 6   20  ?   ?   ?   A . n 
A 1 7   ARG 7   21  ?   ?   ?   A . n 
A 1 8   SER 8   22  ?   ?   ?   A . n 
A 1 9   PRO 9   23  ?   ?   ?   A . n 
A 1 10  VAL 10  24  ?   ?   ?   A . n 
A 1 11  GLU 11  25  ?   ?   ?   A . n 
A 1 12  PRO 12  26  ?   ?   ?   A . n 
A 1 13  VAL 13  27  ?   ?   ?   A . n 
A 1 14  GLN 14  28  ?   ?   ?   A . n 
A 1 15  SER 15  29  ?   ?   ?   A . n 
A 1 16  THR 16  30  ?   ?   ?   A . n 
A 1 17  ALA 17  31  ?   ?   ?   A . n 
A 1 18  PRO 18  32  ?   ?   ?   A . n 
A 1 19  GLN 19  33  ?   ?   ?   A . n 
A 1 20  PRO 20  34  ?   ?   ?   A . n 
A 1 21  LYS 21  35  ?   ?   ?   A . n 
A 1 22  ALA 22  36  ?   ?   ?   A . n 
A 1 23  GLU 23  37  ?   ?   ?   A . n 
A 1 24  PRO 24  38  ?   ?   ?   A . n 
A 1 25  ALA 25  39  ?   ?   ?   A . n 
A 1 26  LYS 26  40  ?   ?   ?   A . n 
A 1 27  PRO 27  41  ?   ?   ?   A . n 
A 1 28  LYS 28  42  ?   ?   ?   A . n 
A 1 29  ALA 29  43  ?   ?   ?   A . n 
A 1 30  PRO 30  44  ?   ?   ?   A . n 
A 1 31  ARG 31  45  ?   ?   ?   A . n 
A 1 32  ALA 32  46  ?   ?   ?   A . n 
A 1 33  THR 33  47  47  THR THR A . n 
A 1 34  PRO 34  48  48  PRO PRO A . n 
A 1 35  VAL 35  49  49  VAL VAL A . n 
A 1 36  ARG 36  50  50  ARG ARG A . n 
A 1 37  ILE 37  51  51  ILE ILE A . n 
A 1 38  TYR 38  52  52  TYR TYR A . n 
A 1 39  THR 39  53  53  THR THR A . n 
A 1 40  ASN 40  54  54  ASN ASN A . n 
A 1 41  ALA 41  55  55  ALA ALA A . n 
A 1 42  GLU 42  56  56  GLU GLU A . n 
A 1 43  GLU 43  57  57  GLU GLU A . n 
A 1 44  LEU 44  58  58  LEU LEU A . n 
A 1 45  VAL 45  59  59  VAL VAL A . n 
A 1 46  GLY 46  60  60  GLY GLY A . n 
A 1 47  LYS 47  61  61  LYS LYS A . n 
A 1 48  PRO 48  62  62  PRO PRO A . n 
A 1 49  PHE 49  63  63  PHE PHE A . n 
A 1 50  ARG 50  64  64  ARG ARG A . n 
A 1 51  ASP 51  65  65  ASP ASP A . n 
A 1 52  LEU 52  66  66  LEU LEU A . n 
A 1 53  GLY 53  67  67  GLY GLY A . n 
A 1 54  GLU 54  68  68  GLU GLU A . n 
A 1 55  VAL 55  69  69  VAL VAL A . n 
A 1 56  SER 56  70  70  SER SER A . n 
A 1 57  GLY 57  71  71  GLY GLY A . n 
A 1 58  ASP 58  72  72  ASP ASP A . n 
A 1 59  SER 59  73  73  SER SER A . n 
A 1 60  CYS 60  74  74  CYS CYS A . n 
A 1 61  GLN 61  75  75  GLN GLN A . n 
A 1 62  ALA 62  76  76  ALA ALA A . n 
A 1 63  SER 63  77  77  SER SER A . n 
A 1 64  ASN 64  78  78  ASN ASN A . n 
A 1 65  GLN 65  79  79  GLN GLN A . n 
A 1 66  ASP 66  80  80  ASP ASP A . n 
A 1 67  SER 67  81  81  SER SER A . n 
A 1 68  PRO 68  82  82  PRO PRO A . n 
A 1 69  PRO 69  83  83  PRO PRO A . n 
A 1 70  SER 70  84  84  SER SER A . n 
A 1 71  ILE 71  85  85  ILE ILE A . n 
A 1 72  PRO 72  86  86  PRO PRO A . n 
A 1 73  THR 73  87  87  THR THR A . n 
A 1 74  ALA 74  88  88  ALA ALA A . n 
A 1 75  ARG 75  89  89  ARG ARG A . n 
A 1 76  LYS 76  90  90  LYS LYS A . n 
A 1 77  ARG 77  91  91  ARG ARG A . n 
A 1 78  MET 78  92  92  MET MET A . n 
A 1 79  GLN 79  93  93  GLN GLN A . n 
A 1 80  ILE 80  94  94  ILE ILE A . n 
A 1 81  ASN 81  95  95  ASN ASN A . n 
A 1 82  ALA 82  96  96  ALA ALA A . n 
A 1 83  SER 83  97  97  SER SER A . n 
A 1 84  LYS 84  98  98  LYS LYS A . n 
A 1 85  MET 85  99  99  MET MET A . n 
A 1 86  LYS 86  100 100 LYS LYS A . n 
A 1 87  ALA 87  101 101 ALA ALA A . n 
A 1 88  ASN 88  102 102 ASN ASN A . n 
A 1 89  ALA 89  103 103 ALA ALA A . n 
A 1 90  VAL 90  104 104 VAL VAL A . n 
A 1 91  LEU 91  105 105 LEU LEU A . n 
A 1 92  LEU 92  106 106 LEU LEU A . n 
A 1 93  HIS 93  107 107 HIS HIS A . n 
A 1 94  SER 94  108 108 SER SER A . n 
A 1 95  CYS 95  109 109 CYS CYS A . n 
A 1 96  GLU 96  110 110 GLU GLU A . n 
A 1 97  VAL 97  111 111 VAL VAL A . n 
A 1 98  THR 98  112 112 THR THR A . n 
A 1 99  SER 99  113 113 SER SER A . n 
A 1 100 GLY 100 114 114 GLY GLY A . n 
A 1 101 THR 101 115 115 THR THR A . n 
A 1 102 PRO 102 116 116 PRO PRO A . n 
A 1 103 GLY 103 117 117 GLY GLY A . n 
A 1 104 CYS 104 118 118 CYS CYS A . n 
A 1 105 TYR 105 119 119 TYR TYR A . n 
A 1 106 ARG 106 120 120 ARG ARG A . n 
A 1 107 GLN 107 121 121 GLN GLN A . n 
A 1 108 ALA 108 122 122 ALA ALA A . n 
A 1 109 VAL 109 123 123 VAL VAL A . n 
A 1 110 CYS 110 124 124 CYS CYS A . n 
A 1 111 ILE 111 125 125 ILE ILE A . n 
A 1 112 GLY 112 126 126 GLY GLY A . n 
A 1 113 SER 113 127 127 SER SER A . n 
A 1 114 ALA 114 128 128 ALA ALA A . n 
A 1 115 LEU 115 129 129 LEU LEU A . n 
A 1 116 ASN 116 130 130 ASN ASN A . n 
A 1 117 ILE 117 131 131 ILE ILE A . n 
A 1 118 THR 118 132 132 THR THR A . n 
A 1 119 ALA 119 133 ?   ?   ?   A . n 
A 1 120 LYS 120 134 ?   ?   ?   A . n 
A 1 121 LEU 121 135 ?   ?   ?   A . n 
A 1 122 GLU 122 136 ?   ?   ?   A . n 
A 1 123 HIS 123 137 ?   ?   ?   A . n 
A 1 124 HIS 124 138 ?   ?   ?   A . n 
A 1 125 HIS 125 139 ?   ?   ?   A . n 
A 1 126 HIS 126 140 ?   ?   ?   A . n 
A 1 127 HIS 127 141 ?   ?   ?   A . n 
A 1 128 HIS 128 142 ?   ?   ?   A . n 
# 
loop_
_pdbx_nonpoly_scheme.asym_id 
_pdbx_nonpoly_scheme.entity_id 
_pdbx_nonpoly_scheme.mon_id 
_pdbx_nonpoly_scheme.ndb_seq_num 
_pdbx_nonpoly_scheme.pdb_seq_num 
_pdbx_nonpoly_scheme.auth_seq_num 
_pdbx_nonpoly_scheme.pdb_mon_id 
_pdbx_nonpoly_scheme.auth_mon_id 
_pdbx_nonpoly_scheme.pdb_strand_id 
_pdbx_nonpoly_scheme.pdb_ins_code 
B 2 I3C 1  1133 1133 I3C I3C A . 
C 3 SO4 1  1134 1134 SO4 SO4 A . 
D 4 HOH 1  2001 2001 HOH HOH A . 
D 4 HOH 2  2002 2002 HOH HOH A . 
D 4 HOH 3  2003 2003 HOH HOH A . 
D 4 HOH 4  2004 2004 HOH HOH A . 
D 4 HOH 5  2005 2005 HOH HOH A . 
D 4 HOH 6  2006 2006 HOH HOH A . 
D 4 HOH 7  2007 2007 HOH HOH A . 
D 4 HOH 8  2008 2008 HOH HOH A . 
D 4 HOH 9  2009 2009 HOH HOH A . 
D 4 HOH 10 2010 2010 HOH HOH A . 
D 4 HOH 11 2011 2011 HOH HOH A . 
D 4 HOH 12 2012 2012 HOH HOH A . 
D 4 HOH 13 2013 2013 HOH HOH A . 
D 4 HOH 14 2014 2014 HOH HOH A . 
D 4 HOH 15 2015 2015 HOH HOH A . 
D 4 HOH 16 2016 2016 HOH HOH A . 
D 4 HOH 17 2017 2017 HOH HOH A . 
D 4 HOH 18 2018 2018 HOH HOH A . 
D 4 HOH 19 2019 2019 HOH HOH A . 
D 4 HOH 20 2020 2020 HOH HOH A . 
D 4 HOH 21 2021 2021 HOH HOH A . 
D 4 HOH 22 2022 2022 HOH HOH A . 
D 4 HOH 23 2023 2023 HOH HOH A . 
D 4 HOH 24 2024 2024 HOH HOH A . 
D 4 HOH 25 2025 2025 HOH HOH A . 
D 4 HOH 26 2026 2026 HOH HOH A . 
D 4 HOH 27 2027 2027 HOH HOH A . 
D 4 HOH 28 2028 2028 HOH HOH A . 
D 4 HOH 29 2029 2029 HOH HOH A . 
D 4 HOH 30 2030 2030 HOH HOH A . 
D 4 HOH 31 2031 2031 HOH HOH A . 
D 4 HOH 32 2032 2032 HOH HOH A . 
D 4 HOH 33 2033 2033 HOH HOH A . 
D 4 HOH 34 2034 2034 HOH HOH A . 
D 4 HOH 35 2035 2035 HOH HOH A . 
D 4 HOH 36 2036 2036 HOH HOH A . 
D 4 HOH 37 2037 2037 HOH HOH A . 
D 4 HOH 38 2038 2038 HOH HOH A . 
D 4 HOH 39 2039 2039 HOH HOH A . 
D 4 HOH 40 2040 2040 HOH HOH A . 
D 4 HOH 41 2041 2041 HOH HOH A . 
D 4 HOH 42 2042 2042 HOH HOH A . 
D 4 HOH 43 2043 2043 HOH HOH A . 
D 4 HOH 44 2044 2044 HOH HOH A . 
D 4 HOH 45 2045 2045 HOH HOH A . 
D 4 HOH 46 2046 2046 HOH HOH A . 
# 
loop_
_software.name 
_software.classification 
_software.version 
_software.citation_id 
_software.pdbx_ordinal 
REFMAC        refinement       5.5.0102 ? 1 
XDS           'data reduction' .        ? 2 
XSCALE        'data scaling'   .        ? 3 
Auto-Rickshaw phasing          .        ? 4 
# 
_cell.entry_id           2Y1B 
_cell.length_a           55.714 
_cell.length_b           55.714 
_cell.length_c           61.679 
_cell.angle_alpha        90.00 
_cell.angle_beta         90.00 
_cell.angle_gamma        120.00 
_cell.Z_PDB              6 
_cell.pdbx_unique_axis   ? 
# 
_symmetry.entry_id                         2Y1B 
_symmetry.space_group_name_H-M             'P 31 2 1' 
_symmetry.pdbx_full_space_group_name_H-M   ? 
_symmetry.cell_setting                     ? 
_symmetry.Int_Tables_number                152 
# 
_exptl.entry_id          2Y1B 
_exptl.method            'X-RAY DIFFRACTION' 
_exptl.crystals_number   1 
# 
_exptl_crystal.id                    1 
_exptl_crystal.density_meas          ? 
_exptl_crystal.density_Matthews      1.92 
_exptl_crystal.density_percent_sol   36 
_exptl_crystal.description           NONE 
# 
_exptl_crystal_grow.crystal_id      1 
_exptl_crystal_grow.method          'VAPOR DIFFUSION, HANGING DROP' 
_exptl_crystal_grow.temp            ? 
_exptl_crystal_grow.temp_details    ? 
_exptl_crystal_grow.pH              4.5 
_exptl_crystal_grow.pdbx_pH_range   ? 
_exptl_crystal_grow.pdbx_details    
;HANGING DROP: PROTEIN 11MG/ML MIXED WITH I3C 20 MM RESERVOIR: 1.8M AMMONIUM SULFATE, 0.1M SODIUM ACETATE PH 4.5, DROP: 1 MICROL AND 1 MICROL.
;
# 
_diffrn.id                     1 
_diffrn.ambient_temp           100 
_diffrn.ambient_temp_details   ? 
_diffrn.crystal_id             1 
# 
_diffrn_detector.diffrn_id              1 
_diffrn_detector.detector               CCD 
_diffrn_detector.type                   'MARMOSAIC 225 mm CCD' 
_diffrn_detector.pdbx_collection_date   2010-10-07 
_diffrn_detector.details                'MIRROR 2 VERTICALLY FOCUSSING' 
# 
_diffrn_radiation.diffrn_id                        1 
_diffrn_radiation.wavelength_id                    1 
_diffrn_radiation.pdbx_monochromatic_or_laue_m_l   M 
_diffrn_radiation.monochromator                    'DOUBLE CRYSTAL SI(111), HORIZONTALLY FOCUSSING' 
_diffrn_radiation.pdbx_diffrn_protocol             'SINGLE WAVELENGTH' 
_diffrn_radiation.pdbx_scattering_type             x-ray 
# 
loop_
_diffrn_radiation_wavelength.id 
_diffrn_radiation_wavelength.wavelength 
_diffrn_radiation_wavelength.wt 
1 0.97791 1.0 
2 1.5     1.0 
# 
_diffrn_source.diffrn_id                   1 
_diffrn_source.source                      SYNCHROTRON 
_diffrn_source.type                        'EMBL/DESY, HAMBURG BEAMLINE X12' 
_diffrn_source.pdbx_synchrotron_site       'EMBL/DESY, HAMBURG' 
_diffrn_source.pdbx_synchrotron_beamline   X12 
_diffrn_source.pdbx_wavelength             ? 
_diffrn_source.pdbx_wavelength_list        '0.97791, 1.5' 
# 
_reflns.pdbx_diffrn_id               1 
_reflns.pdbx_ordinal                 1 
_reflns.entry_id                     2Y1B 
_reflns.observed_criterion_sigma_I   0.0 
_reflns.observed_criterion_sigma_F   ? 
_reflns.d_resolution_low             19.00 
_reflns.d_resolution_high            2.00 
_reflns.number_obs                   7786 
_reflns.number_all                   ? 
_reflns.percent_possible_obs         99.6 
_reflns.pdbx_Rmerge_I_obs            0.08 
_reflns.pdbx_Rsym_value              ? 
_reflns.pdbx_netI_over_sigmaI        11.50 
_reflns.B_iso_Wilson_estimate        34 
_reflns.pdbx_redundancy              3.5 
# 
_reflns_shell.pdbx_diffrn_id         1 
_reflns_shell.pdbx_ordinal           1 
_reflns_shell.d_res_high             2.00 
_reflns_shell.d_res_low              2.20 
_reflns_shell.percent_possible_all   99.6 
_reflns_shell.Rmerge_I_obs           0.53 
_reflns_shell.pdbx_Rsym_value        ? 
_reflns_shell.meanI_over_sigI_obs    2.70 
_reflns_shell.pdbx_redundancy        3.7 
# 
_refine.pdbx_refine_id                           'X-RAY DIFFRACTION' 
_refine.entry_id                                 2Y1B 
_refine.pdbx_diffrn_id                           1 
_refine.pdbx_TLS_residual_ADP_flag               ? 
_refine.ls_number_reflns_obs                     7428 
_refine.ls_number_reflns_all                     ? 
_refine.pdbx_ls_sigma_I                          ? 
_refine.pdbx_ls_sigma_F                          . 
_refine.pdbx_data_cutoff_high_absF               ? 
_refine.pdbx_data_cutoff_low_absF                ? 
_refine.pdbx_data_cutoff_high_rms_absF           ? 
_refine.ls_d_res_low                             48.25 
_refine.ls_d_res_high                            2.00 
_refine.ls_percent_reflns_obs                    99.55 
_refine.ls_R_factor_obs                          0.19913 
_refine.ls_R_factor_all                          ? 
_refine.ls_R_factor_R_work                       0.19644 
_refine.ls_R_factor_R_free                       0.25752 
_refine.ls_R_factor_R_free_error                 ? 
_refine.ls_R_factor_R_free_error_details         ? 
_refine.ls_percent_reflns_R_free                 4.6 
_refine.ls_number_reflns_R_free                  358 
_refine.ls_number_parameters                     ? 
_refine.ls_number_restraints                     ? 
_refine.occupancy_min                            ? 
_refine.occupancy_max                            ? 
_refine.correlation_coeff_Fo_to_Fc               0.953 
_refine.correlation_coeff_Fo_to_Fc_free          0.926 
_refine.B_iso_mean                               24.541 
_refine.aniso_B[1][1]                            1.54 
_refine.aniso_B[2][2]                            1.54 
_refine.aniso_B[3][3]                            -2.31 
_refine.aniso_B[1][2]                            0.77 
_refine.aniso_B[1][3]                            0.00 
_refine.aniso_B[2][3]                            0.00 
_refine.solvent_model_details                    MASK 
_refine.solvent_model_param_ksol                 ? 
_refine.solvent_model_param_bsol                 ? 
_refine.pdbx_solvent_vdw_probe_radii             1.40 
_refine.pdbx_solvent_ion_probe_radii             0.80 
_refine.pdbx_solvent_shrinkage_radii             0.80 
_refine.pdbx_ls_cross_valid_method               THROUGHOUT 
_refine.details                                  'HYDROGENS HAVE BEEN ADDED IN THE RIDING POSITIONS. U VALUES REFINED INDIVIDUALLY' 
_refine.pdbx_starting_model                      NONE 
_refine.pdbx_method_to_determine_struct          SAD 
_refine.pdbx_isotropic_thermal_model             ? 
_refine.pdbx_stereochemistry_target_values       'MAXIMUM LIKELIHOOD' 
_refine.pdbx_stereochem_target_val_spec_case     ? 
_refine.pdbx_R_Free_selection_details            RANDOM 
_refine.pdbx_overall_ESU_R                       0.156 
_refine.pdbx_overall_ESU_R_Free                  0.161 
_refine.overall_SU_ML                            0.122 
_refine.pdbx_overall_phase_error                 ? 
_refine.overall_SU_B                             4.568 
_refine.overall_SU_R_Cruickshank_DPI             ? 
_refine.pdbx_overall_SU_R_free_Cruickshank_DPI   ? 
_refine.pdbx_overall_SU_R_Blow_DPI               ? 
_refine.pdbx_overall_SU_R_free_Blow_DPI          ? 
# 
_refine_hist.pdbx_refine_id                   'X-RAY DIFFRACTION' 
_refine_hist.cycle_id                         LAST 
_refine_hist.pdbx_number_atoms_protein        636 
_refine_hist.pdbx_number_atoms_nucleic_acid   0 
_refine_hist.pdbx_number_atoms_ligand         21 
_refine_hist.number_atoms_solvent             46 
_refine_hist.number_atoms_total               703 
_refine_hist.d_res_high                       2.00 
_refine_hist.d_res_low                        48.25 
# 
loop_
_refine_ls_restr.type 
_refine_ls_restr.dev_ideal 
_refine_ls_restr.dev_ideal_target 
_refine_ls_restr.weight 
_refine_ls_restr.number 
_refine_ls_restr.pdbx_refine_id 
_refine_ls_restr.pdbx_restraint_function 
r_bond_refined_d             0.022  0.022  ? 667  'X-RAY DIFFRACTION' ? 
r_bond_other_d               0.001  0.020  ? 441  'X-RAY DIFFRACTION' ? 
r_angle_refined_deg          2.157  2.007  ? 908  'X-RAY DIFFRACTION' ? 
r_angle_other_deg            1.048  3.000  ? 1084 'X-RAY DIFFRACTION' ? 
r_dihedral_angle_1_deg       8.614  5.000  ? 85   'X-RAY DIFFRACTION' ? 
r_dihedral_angle_2_deg       32.947 24.400 ? 25   'X-RAY DIFFRACTION' ? 
r_dihedral_angle_3_deg       17.598 15.000 ? 110  'X-RAY DIFFRACTION' ? 
r_dihedral_angle_4_deg       20.583 15.000 ? 5    'X-RAY DIFFRACTION' ? 
r_chiral_restr               0.119  0.200  ? 102  'X-RAY DIFFRACTION' ? 
r_gen_planes_refined         0.008  0.021  ? 739  'X-RAY DIFFRACTION' ? 
r_gen_planes_other           0.001  0.020  ? 114  'X-RAY DIFFRACTION' ? 
r_nbd_refined                ?      ?      ? ?    'X-RAY DIFFRACTION' ? 
r_nbd_other                  ?      ?      ? ?    'X-RAY DIFFRACTION' ? 
r_nbtor_refined              ?      ?      ? ?    'X-RAY DIFFRACTION' ? 
r_nbtor_other                ?      ?      ? ?    'X-RAY DIFFRACTION' ? 
r_xyhbond_nbd_refined        ?      ?      ? ?    'X-RAY DIFFRACTION' ? 
r_xyhbond_nbd_other          ?      ?      ? ?    'X-RAY DIFFRACTION' ? 
r_metal_ion_refined          ?      ?      ? ?    'X-RAY DIFFRACTION' ? 
r_metal_ion_other            ?      ?      ? ?    'X-RAY DIFFRACTION' ? 
r_symmetry_vdw_refined       ?      ?      ? ?    'X-RAY DIFFRACTION' ? 
r_symmetry_vdw_other         ?      ?      ? ?    'X-RAY DIFFRACTION' ? 
r_symmetry_hbond_refined     ?      ?      ? ?    'X-RAY DIFFRACTION' ? 
r_symmetry_hbond_other       ?      ?      ? ?    'X-RAY DIFFRACTION' ? 
r_symmetry_metal_ion_refined ?      ?      ? ?    'X-RAY DIFFRACTION' ? 
r_symmetry_metal_ion_other   ?      ?      ? ?    'X-RAY DIFFRACTION' ? 
r_mcbond_it                  1.248  1.500  ? 429  'X-RAY DIFFRACTION' ? 
r_mcbond_other               0.277  1.500  ? 171  'X-RAY DIFFRACTION' ? 
r_mcangle_it                 2.370  2.000  ? 694  'X-RAY DIFFRACTION' ? 
r_mcangle_other              ?      ?      ? ?    'X-RAY DIFFRACTION' ? 
r_scbond_it                  3.603  3.000  ? 238  'X-RAY DIFFRACTION' ? 
r_scbond_other               ?      ?      ? ?    'X-RAY DIFFRACTION' ? 
r_scangle_it                 6.013  4.500  ? 214  'X-RAY DIFFRACTION' ? 
r_scangle_other              ?      ?      ? ?    'X-RAY DIFFRACTION' ? 
r_long_range_B_refined       ?      ?      ? ?    'X-RAY DIFFRACTION' ? 
r_long_range_B_other         ?      ?      ? ?    'X-RAY DIFFRACTION' ? 
r_rigid_bond_restr           ?      ?      ? ?    'X-RAY DIFFRACTION' ? 
r_sphericity_free            ?      ?      ? ?    'X-RAY DIFFRACTION' ? 
r_sphericity_bonded          ?      ?      ? ?    'X-RAY DIFFRACTION' ? 
# 
_refine_ls_shell.pdbx_refine_id                   'X-RAY DIFFRACTION' 
_refine_ls_shell.pdbx_total_number_of_bins_used   20 
_refine_ls_shell.d_res_high                       2.000 
_refine_ls_shell.d_res_low                        2.052 
_refine_ls_shell.number_reflns_R_work             552 
_refine_ls_shell.R_factor_R_work                  0.254 
_refine_ls_shell.percent_reflns_obs               99.14 
_refine_ls_shell.R_factor_R_free                  0.326 
_refine_ls_shell.R_factor_R_free_error            ? 
_refine_ls_shell.percent_reflns_R_free            ? 
_refine_ls_shell.number_reflns_R_free             22 
_refine_ls_shell.number_reflns_all                ? 
_refine_ls_shell.R_factor_all                     ? 
# 
_struct.entry_id                  2Y1B 
_struct.title                     'Crystal structure of the E. coli outer membrane lipoprotein RcsF' 
_struct.pdbx_model_details        ? 
_struct.pdbx_CASP_flag            ? 
_struct.pdbx_model_type_details   ? 
# 
_struct_keywords.entry_id        2Y1B 
_struct_keywords.pdbx_keywords   'MEMBRANE PROTEIN' 
_struct_keywords.text            'MEMBRANE PROTEIN, RCS, PHOSPHORELAY, MUCOIDITY, COLANIC ACID, CAPSULE' 
# 
loop_
_struct_asym.id 
_struct_asym.pdbx_blank_PDB_chainid_flag 
_struct_asym.pdbx_modified 
_struct_asym.entity_id 
_struct_asym.details 
A N N 1 ? 
B N N 2 ? 
C N N 3 ? 
D N N 4 ? 
# 
_struct_ref.id                         1 
_struct_ref.db_name                    UNP 
_struct_ref.db_code                    A1A7P0_ECOK1 
_struct_ref.entity_id                  1 
_struct_ref.pdbx_seq_one_letter_code   ? 
_struct_ref.pdbx_align_begin           ? 
_struct_ref.pdbx_db_accession          A1A7P0 
_struct_ref.pdbx_db_isoform            ? 
# 
_struct_ref_seq.align_id                      1 
_struct_ref_seq.ref_id                        1 
_struct_ref_seq.pdbx_PDB_id_code              2Y1B 
_struct_ref_seq.pdbx_strand_id                A 
_struct_ref_seq.seq_align_beg                 3 
_struct_ref_seq.pdbx_seq_align_beg_ins_code   ? 
_struct_ref_seq.seq_align_end                 120 
_struct_ref_seq.pdbx_seq_align_end_ins_code   ? 
_struct_ref_seq.pdbx_db_accession             A1A7P0 
_struct_ref_seq.db_align_beg                  17 
_struct_ref_seq.pdbx_db_align_beg_ins_code    ? 
_struct_ref_seq.db_align_end                  134 
_struct_ref_seq.pdbx_db_align_end_ins_code    ? 
_struct_ref_seq.pdbx_auth_seq_align_beg       17 
_struct_ref_seq.pdbx_auth_seq_align_end       134 
# 
loop_
_struct_ref_seq_dif.align_id 
_struct_ref_seq_dif.pdbx_pdb_id_code 
_struct_ref_seq_dif.mon_id 
_struct_ref_seq_dif.pdbx_pdb_strand_id 
_struct_ref_seq_dif.seq_num 
_struct_ref_seq_dif.pdbx_pdb_ins_code 
_struct_ref_seq_dif.pdbx_seq_db_name 
_struct_ref_seq_dif.pdbx_seq_db_accession_code 
_struct_ref_seq_dif.db_mon_id 
_struct_ref_seq_dif.pdbx_seq_db_seq_num 
_struct_ref_seq_dif.details 
_struct_ref_seq_dif.pdbx_auth_seq_num 
_struct_ref_seq_dif.pdbx_ordinal 
1 2Y1B MET A 1   ? UNP A1A7P0 ? ? 'expression tag' 15  1  
1 2Y1B GLY A 2   ? UNP A1A7P0 ? ? 'expression tag' 16  2  
1 2Y1B LEU A 121 ? UNP A1A7P0 ? ? 'expression tag' 135 3  
1 2Y1B GLU A 122 ? UNP A1A7P0 ? ? 'expression tag' 136 4  
1 2Y1B HIS A 123 ? UNP A1A7P0 ? ? 'expression tag' 137 5  
1 2Y1B HIS A 124 ? UNP A1A7P0 ? ? 'expression tag' 138 6  
1 2Y1B HIS A 125 ? UNP A1A7P0 ? ? 'expression tag' 139 7  
1 2Y1B HIS A 126 ? UNP A1A7P0 ? ? 'expression tag' 140 8  
1 2Y1B HIS A 127 ? UNP A1A7P0 ? ? 'expression tag' 141 9  
1 2Y1B HIS A 128 ? UNP A1A7P0 ? ? 'expression tag' 142 10 
# 
_pdbx_struct_assembly.id                   1 
_pdbx_struct_assembly.details              author_and_software_defined_assembly 
_pdbx_struct_assembly.method_details       PISA 
_pdbx_struct_assembly.oligomeric_details   monomeric 
_pdbx_struct_assembly.oligomeric_count     1 
# 
_pdbx_struct_assembly_gen.assembly_id       1 
_pdbx_struct_assembly_gen.oper_expression   1 
_pdbx_struct_assembly_gen.asym_id_list      A,B,C,D 
# 
_pdbx_struct_oper_list.id                   1 
_pdbx_struct_oper_list.type                 'identity operation' 
_pdbx_struct_oper_list.name                 1_555 
_pdbx_struct_oper_list.symmetry_operation   x,y,z 
_pdbx_struct_oper_list.matrix[1][1]         1.0000000000 
_pdbx_struct_oper_list.matrix[1][2]         0.0000000000 
_pdbx_struct_oper_list.matrix[1][3]         0.0000000000 
_pdbx_struct_oper_list.vector[1]            0.0000000000 
_pdbx_struct_oper_list.matrix[2][1]         0.0000000000 
_pdbx_struct_oper_list.matrix[2][2]         1.0000000000 
_pdbx_struct_oper_list.matrix[2][3]         0.0000000000 
_pdbx_struct_oper_list.vector[2]            0.0000000000 
_pdbx_struct_oper_list.matrix[3][1]         0.0000000000 
_pdbx_struct_oper_list.matrix[3][2]         0.0000000000 
_pdbx_struct_oper_list.matrix[3][3]         1.0000000000 
_pdbx_struct_oper_list.vector[3]            0.0000000000 
# 
_struct_biol.id   1 
# 
loop_
_struct_conf.conf_type_id 
_struct_conf.id 
_struct_conf.pdbx_PDB_helix_id 
_struct_conf.beg_label_comp_id 
_struct_conf.beg_label_asym_id 
_struct_conf.beg_label_seq_id 
_struct_conf.pdbx_beg_PDB_ins_code 
_struct_conf.end_label_comp_id 
_struct_conf.end_label_asym_id 
_struct_conf.end_label_seq_id 
_struct_conf.pdbx_end_PDB_ins_code 
_struct_conf.beg_auth_comp_id 
_struct_conf.beg_auth_asym_id 
_struct_conf.beg_auth_seq_id 
_struct_conf.end_auth_comp_id 
_struct_conf.end_auth_asym_id 
_struct_conf.end_auth_seq_id 
_struct_conf.pdbx_PDB_helix_class 
_struct_conf.details 
_struct_conf.pdbx_PDB_helix_length 
HELX_P HELX_P1 1 ASN A 40 ? VAL A 45 ? ASN A 54 VAL A 59 5 ? 6  
HELX_P HELX_P2 2 SER A 70 ? MET A 85 ? SER A 84 MET A 99 1 ? 16 
# 
_struct_conf_type.id          HELX_P 
_struct_conf_type.criteria    ? 
_struct_conf_type.reference   ? 
# 
loop_
_struct_conn.id 
_struct_conn.conn_type_id 
_struct_conn.pdbx_leaving_atom_flag 
_struct_conn.pdbx_PDB_id 
_struct_conn.ptnr1_label_asym_id 
_struct_conn.ptnr1_label_comp_id 
_struct_conn.ptnr1_label_seq_id 
_struct_conn.ptnr1_label_atom_id 
_struct_conn.pdbx_ptnr1_label_alt_id 
_struct_conn.pdbx_ptnr1_PDB_ins_code 
_struct_conn.pdbx_ptnr1_standard_comp_id 
_struct_conn.ptnr1_symmetry 
_struct_conn.ptnr2_label_asym_id 
_struct_conn.ptnr2_label_comp_id 
_struct_conn.ptnr2_label_seq_id 
_struct_conn.ptnr2_label_atom_id 
_struct_conn.pdbx_ptnr2_label_alt_id 
_struct_conn.pdbx_ptnr2_PDB_ins_code 
_struct_conn.ptnr1_auth_asym_id 
_struct_conn.ptnr1_auth_comp_id 
_struct_conn.ptnr1_auth_seq_id 
_struct_conn.ptnr2_auth_asym_id 
_struct_conn.ptnr2_auth_comp_id 
_struct_conn.ptnr2_auth_seq_id 
_struct_conn.ptnr2_symmetry 
_struct_conn.pdbx_ptnr3_label_atom_id 
_struct_conn.pdbx_ptnr3_label_seq_id 
_struct_conn.pdbx_ptnr3_label_comp_id 
_struct_conn.pdbx_ptnr3_label_asym_id 
_struct_conn.pdbx_ptnr3_label_alt_id 
_struct_conn.pdbx_ptnr3_PDB_ins_code 
_struct_conn.details 
_struct_conn.pdbx_dist_value 
_struct_conn.pdbx_value_order 
_struct_conn.pdbx_role 
disulf1 disulf ? ? A CYS 60 SG ? ? ? 1_555 A CYS 104 SG ? ? A CYS 74  A CYS 118 1_555 ? ? ? ? ? ? ? 2.037 ? ? 
disulf2 disulf ? ? A CYS 95 SG ? ? ? 1_555 A CYS 110 SG ? ? A CYS 109 A CYS 124 1_555 ? ? ? ? ? ? ? 2.024 ? ? 
# 
_struct_conn_type.id          disulf 
_struct_conn_type.criteria    ? 
_struct_conn_type.reference   ? 
# 
loop_
_pdbx_modification_feature.ordinal 
_pdbx_modification_feature.label_comp_id 
_pdbx_modification_feature.label_asym_id 
_pdbx_modification_feature.label_seq_id 
_pdbx_modification_feature.label_alt_id 
_pdbx_modification_feature.modified_residue_label_comp_id 
_pdbx_modification_feature.modified_residue_label_asym_id 
_pdbx_modification_feature.modified_residue_label_seq_id 
_pdbx_modification_feature.modified_residue_label_alt_id 
_pdbx_modification_feature.auth_comp_id 
_pdbx_modification_feature.auth_asym_id 
_pdbx_modification_feature.auth_seq_id 
_pdbx_modification_feature.PDB_ins_code 
_pdbx_modification_feature.symmetry 
_pdbx_modification_feature.modified_residue_auth_comp_id 
_pdbx_modification_feature.modified_residue_auth_asym_id 
_pdbx_modification_feature.modified_residue_auth_seq_id 
_pdbx_modification_feature.modified_residue_PDB_ins_code 
_pdbx_modification_feature.modified_residue_symmetry 
_pdbx_modification_feature.comp_id_linking_atom 
_pdbx_modification_feature.modified_residue_id_linking_atom 
_pdbx_modification_feature.modified_residue_id 
_pdbx_modification_feature.ref_pcm_id 
_pdbx_modification_feature.ref_comp_id 
_pdbx_modification_feature.type 
_pdbx_modification_feature.category 
1 CYS A 60 ? CYS A 104 ? CYS A 74  ? 1_555 CYS A 118 ? 1_555 SG SG . . . None 'Disulfide bridge' 
2 CYS A 95 ? CYS A 110 ? CYS A 109 ? 1_555 CYS A 124 ? 1_555 SG SG . . . None 'Disulfide bridge' 
# 
_struct_sheet.id               AA 
_struct_sheet.type             ? 
_struct_sheet.number_strands   4 
_struct_sheet.details          ? 
# 
loop_
_struct_sheet_order.sheet_id 
_struct_sheet_order.range_id_1 
_struct_sheet_order.range_id_2 
_struct_sheet_order.offset 
_struct_sheet_order.sense 
AA 1 2 ? parallel      
AA 2 3 ? anti-parallel 
AA 3 4 ? anti-parallel 
# 
loop_
_struct_sheet_range.sheet_id 
_struct_sheet_range.id 
_struct_sheet_range.beg_label_comp_id 
_struct_sheet_range.beg_label_asym_id 
_struct_sheet_range.beg_label_seq_id 
_struct_sheet_range.pdbx_beg_PDB_ins_code 
_struct_sheet_range.end_label_comp_id 
_struct_sheet_range.end_label_asym_id 
_struct_sheet_range.end_label_seq_id 
_struct_sheet_range.pdbx_end_PDB_ins_code 
_struct_sheet_range.beg_auth_comp_id 
_struct_sheet_range.beg_auth_asym_id 
_struct_sheet_range.beg_auth_seq_id 
_struct_sheet_range.end_auth_comp_id 
_struct_sheet_range.end_auth_asym_id 
_struct_sheet_range.end_auth_seq_id 
AA 1 ARG A 36  ? TYR A 38  ? ARG A 50  TYR A 52  
AA 2 ALA A 89  ? THR A 98  ? ALA A 103 THR A 112 
AA 3 ARG A 106 ? ILE A 117 ? ARG A 120 ILE A 131 
AA 4 PHE A 49  ? GLN A 61  ? PHE A 63  GLN A 75  
# 
loop_
_pdbx_struct_sheet_hbond.sheet_id 
_pdbx_struct_sheet_hbond.range_id_1 
_pdbx_struct_sheet_hbond.range_id_2 
_pdbx_struct_sheet_hbond.range_1_label_atom_id 
_pdbx_struct_sheet_hbond.range_1_label_comp_id 
_pdbx_struct_sheet_hbond.range_1_label_asym_id 
_pdbx_struct_sheet_hbond.range_1_label_seq_id 
_pdbx_struct_sheet_hbond.range_1_PDB_ins_code 
_pdbx_struct_sheet_hbond.range_1_auth_atom_id 
_pdbx_struct_sheet_hbond.range_1_auth_comp_id 
_pdbx_struct_sheet_hbond.range_1_auth_asym_id 
_pdbx_struct_sheet_hbond.range_1_auth_seq_id 
_pdbx_struct_sheet_hbond.range_2_label_atom_id 
_pdbx_struct_sheet_hbond.range_2_label_comp_id 
_pdbx_struct_sheet_hbond.range_2_label_asym_id 
_pdbx_struct_sheet_hbond.range_2_label_seq_id 
_pdbx_struct_sheet_hbond.range_2_PDB_ins_code 
_pdbx_struct_sheet_hbond.range_2_auth_atom_id 
_pdbx_struct_sheet_hbond.range_2_auth_comp_id 
_pdbx_struct_sheet_hbond.range_2_auth_asym_id 
_pdbx_struct_sheet_hbond.range_2_auth_seq_id 
AA 1 2 N TYR A 38  ? N TYR A 52  O VAL A 90  ? O VAL A 104 
AA 2 3 N THR A 98  ? N THR A 112 O GLN A 107 ? O GLN A 121 
AA 3 4 N ASN A 116 ? N ASN A 130 O ARG A 50  ? O ARG A 64  
# 
loop_
_struct_site.id 
_struct_site.pdbx_evidence_code 
_struct_site.pdbx_auth_asym_id 
_struct_site.pdbx_auth_comp_id 
_struct_site.pdbx_auth_seq_id 
_struct_site.pdbx_auth_ins_code 
_struct_site.pdbx_num_residues 
_struct_site.details 
AC1 Software A I3C 1133 ? 7 'BINDING SITE FOR RESIDUE I3C A 1133' 
AC2 Software A SO4 1134 ? 6 'BINDING SITE FOR RESIDUE SO4 A 1134' 
# 
loop_
_struct_site_gen.id 
_struct_site_gen.site_id 
_struct_site_gen.pdbx_num_res 
_struct_site_gen.label_comp_id 
_struct_site_gen.label_asym_id 
_struct_site_gen.label_seq_id 
_struct_site_gen.pdbx_auth_ins_code 
_struct_site_gen.auth_comp_id 
_struct_site_gen.auth_asym_id 
_struct_site_gen.auth_seq_id 
_struct_site_gen.label_atom_id 
_struct_site_gen.label_alt_id 
_struct_site_gen.symmetry 
_struct_site_gen.details 
1  AC1 7 SER A 67 ? SER A 81   . ? 2_655 ? 
2  AC1 7 PRO A 68 ? PRO A 82   . ? 2_655 ? 
3  AC1 7 SER A 70 ? SER A 84   . ? 2_655 ? 
4  AC1 7 PRO A 72 ? PRO A 86   . ? 2_655 ? 
5  AC1 7 HIS A 93 ? HIS A 107  . ? 1_555 ? 
6  AC1 7 HOH D .  ? HOH A 2043 . ? 1_555 ? 
7  AC1 7 HOH D .  ? HOH A 2044 . ? 1_555 ? 
8  AC2 6 SER A 59 ? SER A 73   . ? 1_555 ? 
9  AC2 6 CYS A 60 ? CYS A 74   . ? 1_555 ? 
10 AC2 6 ARG A 77 ? ARG A 91   . ? 1_555 ? 
11 AC2 6 ASN A 81 ? ASN A 95   . ? 4_555 ? 
12 AC2 6 HOH D .  ? HOH A 2045 . ? 1_555 ? 
13 AC2 6 HOH D .  ? HOH A 2046 . ? 1_555 ? 
# 
_pdbx_entry_details.entry_id                   2Y1B 
_pdbx_entry_details.compound_details           ? 
_pdbx_entry_details.source_details             ? 
_pdbx_entry_details.nonpolymer_details         
;5-AMINO-2,4,6-TRIIODOISOPHTHALIC ACID (I3C): THIS MOLECULE
 IS THE MAGIC TRIANGLE DESCRIBED BY TOBIAS BECK ET AL. ACTA
 CRYST. 2008, D64, 1179-1182
;
_pdbx_entry_details.sequence_details           
;RCSF WAS CLONED WITHOUT THE SEQUENCE CORRESPONDING TO THE
PUTATIVE LIPOBOX.
;
_pdbx_entry_details.has_ligand_of_interest     ? 
_pdbx_entry_details.has_protein_modification   Y 
# 
loop_
_pdbx_validate_torsion.id 
_pdbx_validate_torsion.PDB_model_num 
_pdbx_validate_torsion.auth_comp_id 
_pdbx_validate_torsion.auth_asym_id 
_pdbx_validate_torsion.auth_seq_id 
_pdbx_validate_torsion.PDB_ins_code 
_pdbx_validate_torsion.label_alt_id 
_pdbx_validate_torsion.phi 
_pdbx_validate_torsion.psi 
1 1 PRO A 48  ? ? -72.67 44.60  
2 1 THR A 115 ? ? -36.77 129.78 
# 
_pdbx_struct_special_symmetry.id              1 
_pdbx_struct_special_symmetry.PDB_model_num   1 
_pdbx_struct_special_symmetry.auth_asym_id    A 
_pdbx_struct_special_symmetry.auth_comp_id    HOH 
_pdbx_struct_special_symmetry.auth_seq_id     2015 
_pdbx_struct_special_symmetry.PDB_ins_code    ? 
_pdbx_struct_special_symmetry.label_asym_id   D 
_pdbx_struct_special_symmetry.label_comp_id   HOH 
_pdbx_struct_special_symmetry.label_seq_id    . 
# 
loop_
_pdbx_unobs_or_zero_occ_residues.id 
_pdbx_unobs_or_zero_occ_residues.PDB_model_num 
_pdbx_unobs_or_zero_occ_residues.polymer_flag 
_pdbx_unobs_or_zero_occ_residues.occupancy_flag 
_pdbx_unobs_or_zero_occ_residues.auth_asym_id 
_pdbx_unobs_or_zero_occ_residues.auth_comp_id 
_pdbx_unobs_or_zero_occ_residues.auth_seq_id 
_pdbx_unobs_or_zero_occ_residues.PDB_ins_code 
_pdbx_unobs_or_zero_occ_residues.label_asym_id 
_pdbx_unobs_or_zero_occ_residues.label_comp_id 
_pdbx_unobs_or_zero_occ_residues.label_seq_id 
1  1 Y 1 A MET 15  ? A MET 1   
2  1 Y 1 A GLY 16  ? A GLY 2   
3  1 Y 1 A SER 17  ? A SER 3   
4  1 Y 1 A MET 18  ? A MET 4   
5  1 Y 1 A LEU 19  ? A LEU 5   
6  1 Y 1 A SER 20  ? A SER 6   
7  1 Y 1 A ARG 21  ? A ARG 7   
8  1 Y 1 A SER 22  ? A SER 8   
9  1 Y 1 A PRO 23  ? A PRO 9   
10 1 Y 1 A VAL 24  ? A VAL 10  
11 1 Y 1 A GLU 25  ? A GLU 11  
12 1 Y 1 A PRO 26  ? A PRO 12  
13 1 Y 1 A VAL 27  ? A VAL 13  
14 1 Y 1 A GLN 28  ? A GLN 14  
15 1 Y 1 A SER 29  ? A SER 15  
16 1 Y 1 A THR 30  ? A THR 16  
17 1 Y 1 A ALA 31  ? A ALA 17  
18 1 Y 1 A PRO 32  ? A PRO 18  
19 1 Y 1 A GLN 33  ? A GLN 19  
20 1 Y 1 A PRO 34  ? A PRO 20  
21 1 Y 1 A LYS 35  ? A LYS 21  
22 1 Y 1 A ALA 36  ? A ALA 22  
23 1 Y 1 A GLU 37  ? A GLU 23  
24 1 Y 1 A PRO 38  ? A PRO 24  
25 1 Y 1 A ALA 39  ? A ALA 25  
26 1 Y 1 A LYS 40  ? A LYS 26  
27 1 Y 1 A PRO 41  ? A PRO 27  
28 1 Y 1 A LYS 42  ? A LYS 28  
29 1 Y 1 A ALA 43  ? A ALA 29  
30 1 Y 1 A PRO 44  ? A PRO 30  
31 1 Y 1 A ARG 45  ? A ARG 31  
32 1 Y 1 A ALA 46  ? A ALA 32  
33 1 Y 1 A ALA 133 ? A ALA 119 
34 1 Y 1 A LYS 134 ? A LYS 120 
35 1 Y 1 A LEU 135 ? A LEU 121 
36 1 Y 1 A GLU 136 ? A GLU 122 
37 1 Y 1 A HIS 137 ? A HIS 123 
38 1 Y 1 A HIS 138 ? A HIS 124 
39 1 Y 1 A HIS 139 ? A HIS 125 
40 1 Y 1 A HIS 140 ? A HIS 126 
41 1 Y 1 A HIS 141 ? A HIS 127 
42 1 Y 1 A HIS 142 ? A HIS 128 
# 
loop_
_chem_comp_atom.comp_id 
_chem_comp_atom.atom_id 
_chem_comp_atom.type_symbol 
_chem_comp_atom.pdbx_aromatic_flag 
_chem_comp_atom.pdbx_stereo_config 
_chem_comp_atom.pdbx_ordinal 
ALA N    N N N 1   
ALA CA   C N S 2   
ALA C    C N N 3   
ALA O    O N N 4   
ALA CB   C N N 5   
ALA OXT  O N N 6   
ALA H    H N N 7   
ALA H2   H N N 8   
ALA HA   H N N 9   
ALA HB1  H N N 10  
ALA HB2  H N N 11  
ALA HB3  H N N 12  
ALA HXT  H N N 13  
ARG N    N N N 14  
ARG CA   C N S 15  
ARG C    C N N 16  
ARG O    O N N 17  
ARG CB   C N N 18  
ARG CG   C N N 19  
ARG CD   C N N 20  
ARG NE   N N N 21  
ARG CZ   C N N 22  
ARG NH1  N N N 23  
ARG NH2  N N N 24  
ARG OXT  O N N 25  
ARG H    H N N 26  
ARG H2   H N N 27  
ARG HA   H N N 28  
ARG HB2  H N N 29  
ARG HB3  H N N 30  
ARG HG2  H N N 31  
ARG HG3  H N N 32  
ARG HD2  H N N 33  
ARG HD3  H N N 34  
ARG HE   H N N 35  
ARG HH11 H N N 36  
ARG HH12 H N N 37  
ARG HH21 H N N 38  
ARG HH22 H N N 39  
ARG HXT  H N N 40  
ASN N    N N N 41  
ASN CA   C N S 42  
ASN C    C N N 43  
ASN O    O N N 44  
ASN CB   C N N 45  
ASN CG   C N N 46  
ASN OD1  O N N 47  
ASN ND2  N N N 48  
ASN OXT  O N N 49  
ASN H    H N N 50  
ASN H2   H N N 51  
ASN HA   H N N 52  
ASN HB2  H N N 53  
ASN HB3  H N N 54  
ASN HD21 H N N 55  
ASN HD22 H N N 56  
ASN HXT  H N N 57  
ASP N    N N N 58  
ASP CA   C N S 59  
ASP C    C N N 60  
ASP O    O N N 61  
ASP CB   C N N 62  
ASP CG   C N N 63  
ASP OD1  O N N 64  
ASP OD2  O N N 65  
ASP OXT  O N N 66  
ASP H    H N N 67  
ASP H2   H N N 68  
ASP HA   H N N 69  
ASP HB2  H N N 70  
ASP HB3  H N N 71  
ASP HD2  H N N 72  
ASP HXT  H N N 73  
CYS N    N N N 74  
CYS CA   C N R 75  
CYS C    C N N 76  
CYS O    O N N 77  
CYS CB   C N N 78  
CYS SG   S N N 79  
CYS OXT  O N N 80  
CYS H    H N N 81  
CYS H2   H N N 82  
CYS HA   H N N 83  
CYS HB2  H N N 84  
CYS HB3  H N N 85  
CYS HG   H N N 86  
CYS HXT  H N N 87  
GLN N    N N N 88  
GLN CA   C N S 89  
GLN C    C N N 90  
GLN O    O N N 91  
GLN CB   C N N 92  
GLN CG   C N N 93  
GLN CD   C N N 94  
GLN OE1  O N N 95  
GLN NE2  N N N 96  
GLN OXT  O N N 97  
GLN H    H N N 98  
GLN H2   H N N 99  
GLN HA   H N N 100 
GLN HB2  H N N 101 
GLN HB3  H N N 102 
GLN HG2  H N N 103 
GLN HG3  H N N 104 
GLN HE21 H N N 105 
GLN HE22 H N N 106 
GLN HXT  H N N 107 
GLU N    N N N 108 
GLU CA   C N S 109 
GLU C    C N N 110 
GLU O    O N N 111 
GLU CB   C N N 112 
GLU CG   C N N 113 
GLU CD   C N N 114 
GLU OE1  O N N 115 
GLU OE2  O N N 116 
GLU OXT  O N N 117 
GLU H    H N N 118 
GLU H2   H N N 119 
GLU HA   H N N 120 
GLU HB2  H N N 121 
GLU HB3  H N N 122 
GLU HG2  H N N 123 
GLU HG3  H N N 124 
GLU HE2  H N N 125 
GLU HXT  H N N 126 
GLY N    N N N 127 
GLY CA   C N N 128 
GLY C    C N N 129 
GLY O    O N N 130 
GLY OXT  O N N 131 
GLY H    H N N 132 
GLY H2   H N N 133 
GLY HA2  H N N 134 
GLY HA3  H N N 135 
GLY HXT  H N N 136 
HIS N    N N N 137 
HIS CA   C N S 138 
HIS C    C N N 139 
HIS O    O N N 140 
HIS CB   C N N 141 
HIS CG   C Y N 142 
HIS ND1  N Y N 143 
HIS CD2  C Y N 144 
HIS CE1  C Y N 145 
HIS NE2  N Y N 146 
HIS OXT  O N N 147 
HIS H    H N N 148 
HIS H2   H N N 149 
HIS HA   H N N 150 
HIS HB2  H N N 151 
HIS HB3  H N N 152 
HIS HD1  H N N 153 
HIS HD2  H N N 154 
HIS HE1  H N N 155 
HIS HE2  H N N 156 
HIS HXT  H N N 157 
HOH O    O N N 158 
HOH H1   H N N 159 
HOH H2   H N N 160 
I3C I3   I N N 161 
I3C I2   I N N 162 
I3C I1   I N N 163 
I3C O8   O N N 164 
I3C O9   O N N 165 
I3C C10  C N N 166 
I3C N13  N N N 167 
I3C C1   C Y N 168 
I3C C6   C Y N 169 
I3C C5   C Y N 170 
I3C C4   C Y N 171 
I3C C3   C Y N 172 
I3C C2   C Y N 173 
I3C C7   C N N 174 
I3C O11  O N N 175 
I3C O12  O N N 176 
I3C HO9  H N N 177 
I3C HN13 H N N 178 
I3C HN1A H N N 179 
I3C HO11 H N N 180 
ILE N    N N N 181 
ILE CA   C N S 182 
ILE C    C N N 183 
ILE O    O N N 184 
ILE CB   C N S 185 
ILE CG1  C N N 186 
ILE CG2  C N N 187 
ILE CD1  C N N 188 
ILE OXT  O N N 189 
ILE H    H N N 190 
ILE H2   H N N 191 
ILE HA   H N N 192 
ILE HB   H N N 193 
ILE HG12 H N N 194 
ILE HG13 H N N 195 
ILE HG21 H N N 196 
ILE HG22 H N N 197 
ILE HG23 H N N 198 
ILE HD11 H N N 199 
ILE HD12 H N N 200 
ILE HD13 H N N 201 
ILE HXT  H N N 202 
LEU N    N N N 203 
LEU CA   C N S 204 
LEU C    C N N 205 
LEU O    O N N 206 
LEU CB   C N N 207 
LEU CG   C N N 208 
LEU CD1  C N N 209 
LEU CD2  C N N 210 
LEU OXT  O N N 211 
LEU H    H N N 212 
LEU H2   H N N 213 
LEU HA   H N N 214 
LEU HB2  H N N 215 
LEU HB3  H N N 216 
LEU HG   H N N 217 
LEU HD11 H N N 218 
LEU HD12 H N N 219 
LEU HD13 H N N 220 
LEU HD21 H N N 221 
LEU HD22 H N N 222 
LEU HD23 H N N 223 
LEU HXT  H N N 224 
LYS N    N N N 225 
LYS CA   C N S 226 
LYS C    C N N 227 
LYS O    O N N 228 
LYS CB   C N N 229 
LYS CG   C N N 230 
LYS CD   C N N 231 
LYS CE   C N N 232 
LYS NZ   N N N 233 
LYS OXT  O N N 234 
LYS H    H N N 235 
LYS H2   H N N 236 
LYS HA   H N N 237 
LYS HB2  H N N 238 
LYS HB3  H N N 239 
LYS HG2  H N N 240 
LYS HG3  H N N 241 
LYS HD2  H N N 242 
LYS HD3  H N N 243 
LYS HE2  H N N 244 
LYS HE3  H N N 245 
LYS HZ1  H N N 246 
LYS HZ2  H N N 247 
LYS HZ3  H N N 248 
LYS HXT  H N N 249 
MET N    N N N 250 
MET CA   C N S 251 
MET C    C N N 252 
MET O    O N N 253 
MET CB   C N N 254 
MET CG   C N N 255 
MET SD   S N N 256 
MET CE   C N N 257 
MET OXT  O N N 258 
MET H    H N N 259 
MET H2   H N N 260 
MET HA   H N N 261 
MET HB2  H N N 262 
MET HB3  H N N 263 
MET HG2  H N N 264 
MET HG3  H N N 265 
MET HE1  H N N 266 
MET HE2  H N N 267 
MET HE3  H N N 268 
MET HXT  H N N 269 
PHE N    N N N 270 
PHE CA   C N S 271 
PHE C    C N N 272 
PHE O    O N N 273 
PHE CB   C N N 274 
PHE CG   C Y N 275 
PHE CD1  C Y N 276 
PHE CD2  C Y N 277 
PHE CE1  C Y N 278 
PHE CE2  C Y N 279 
PHE CZ   C Y N 280 
PHE OXT  O N N 281 
PHE H    H N N 282 
PHE H2   H N N 283 
PHE HA   H N N 284 
PHE HB2  H N N 285 
PHE HB3  H N N 286 
PHE HD1  H N N 287 
PHE HD2  H N N 288 
PHE HE1  H N N 289 
PHE HE2  H N N 290 
PHE HZ   H N N 291 
PHE HXT  H N N 292 
PRO N    N N N 293 
PRO CA   C N S 294 
PRO C    C N N 295 
PRO O    O N N 296 
PRO CB   C N N 297 
PRO CG   C N N 298 
PRO CD   C N N 299 
PRO OXT  O N N 300 
PRO H    H N N 301 
PRO HA   H N N 302 
PRO HB2  H N N 303 
PRO HB3  H N N 304 
PRO HG2  H N N 305 
PRO HG3  H N N 306 
PRO HD2  H N N 307 
PRO HD3  H N N 308 
PRO HXT  H N N 309 
SER N    N N N 310 
SER CA   C N S 311 
SER C    C N N 312 
SER O    O N N 313 
SER CB   C N N 314 
SER OG   O N N 315 
SER OXT  O N N 316 
SER H    H N N 317 
SER H2   H N N 318 
SER HA   H N N 319 
SER HB2  H N N 320 
SER HB3  H N N 321 
SER HG   H N N 322 
SER HXT  H N N 323 
SO4 S    S N N 324 
SO4 O1   O N N 325 
SO4 O2   O N N 326 
SO4 O3   O N N 327 
SO4 O4   O N N 328 
THR N    N N N 329 
THR CA   C N S 330 
THR C    C N N 331 
THR O    O N N 332 
THR CB   C N R 333 
THR OG1  O N N 334 
THR CG2  C N N 335 
THR OXT  O N N 336 
THR H    H N N 337 
THR H2   H N N 338 
THR HA   H N N 339 
THR HB   H N N 340 
THR HG1  H N N 341 
THR HG21 H N N 342 
THR HG22 H N N 343 
THR HG23 H N N 344 
THR HXT  H N N 345 
TYR N    N N N 346 
TYR CA   C N S 347 
TYR C    C N N 348 
TYR O    O N N 349 
TYR CB   C N N 350 
TYR CG   C Y N 351 
TYR CD1  C Y N 352 
TYR CD2  C Y N 353 
TYR CE1  C Y N 354 
TYR CE2  C Y N 355 
TYR CZ   C Y N 356 
TYR OH   O N N 357 
TYR OXT  O N N 358 
TYR H    H N N 359 
TYR H2   H N N 360 
TYR HA   H N N 361 
TYR HB2  H N N 362 
TYR HB3  H N N 363 
TYR HD1  H N N 364 
TYR HD2  H N N 365 
TYR HE1  H N N 366 
TYR HE2  H N N 367 
TYR HH   H N N 368 
TYR HXT  H N N 369 
VAL N    N N N 370 
VAL CA   C N S 371 
VAL C    C N N 372 
VAL O    O N N 373 
VAL CB   C N N 374 
VAL CG1  C N N 375 
VAL CG2  C N N 376 
VAL OXT  O N N 377 
VAL H    H N N 378 
VAL H2   H N N 379 
VAL HA   H N N 380 
VAL HB   H N N 381 
VAL HG11 H N N 382 
VAL HG12 H N N 383 
VAL HG13 H N N 384 
VAL HG21 H N N 385 
VAL HG22 H N N 386 
VAL HG23 H N N 387 
VAL HXT  H N N 388 
# 
loop_
_chem_comp_bond.comp_id 
_chem_comp_bond.atom_id_1 
_chem_comp_bond.atom_id_2 
_chem_comp_bond.value_order 
_chem_comp_bond.pdbx_aromatic_flag 
_chem_comp_bond.pdbx_stereo_config 
_chem_comp_bond.pdbx_ordinal 
ALA N   CA   sing N N 1   
ALA N   H    sing N N 2   
ALA N   H2   sing N N 3   
ALA CA  C    sing N N 4   
ALA CA  CB   sing N N 5   
ALA CA  HA   sing N N 6   
ALA C   O    doub N N 7   
ALA C   OXT  sing N N 8   
ALA CB  HB1  sing N N 9   
ALA CB  HB2  sing N N 10  
ALA CB  HB3  sing N N 11  
ALA OXT HXT  sing N N 12  
ARG N   CA   sing N N 13  
ARG N   H    sing N N 14  
ARG N   H2   sing N N 15  
ARG CA  C    sing N N 16  
ARG CA  CB   sing N N 17  
ARG CA  HA   sing N N 18  
ARG C   O    doub N N 19  
ARG C   OXT  sing N N 20  
ARG CB  CG   sing N N 21  
ARG CB  HB2  sing N N 22  
ARG CB  HB3  sing N N 23  
ARG CG  CD   sing N N 24  
ARG CG  HG2  sing N N 25  
ARG CG  HG3  sing N N 26  
ARG CD  NE   sing N N 27  
ARG CD  HD2  sing N N 28  
ARG CD  HD3  sing N N 29  
ARG NE  CZ   sing N N 30  
ARG NE  HE   sing N N 31  
ARG CZ  NH1  sing N N 32  
ARG CZ  NH2  doub N N 33  
ARG NH1 HH11 sing N N 34  
ARG NH1 HH12 sing N N 35  
ARG NH2 HH21 sing N N 36  
ARG NH2 HH22 sing N N 37  
ARG OXT HXT  sing N N 38  
ASN N   CA   sing N N 39  
ASN N   H    sing N N 40  
ASN N   H2   sing N N 41  
ASN CA  C    sing N N 42  
ASN CA  CB   sing N N 43  
ASN CA  HA   sing N N 44  
ASN C   O    doub N N 45  
ASN C   OXT  sing N N 46  
ASN CB  CG   sing N N 47  
ASN CB  HB2  sing N N 48  
ASN CB  HB3  sing N N 49  
ASN CG  OD1  doub N N 50  
ASN CG  ND2  sing N N 51  
ASN ND2 HD21 sing N N 52  
ASN ND2 HD22 sing N N 53  
ASN OXT HXT  sing N N 54  
ASP N   CA   sing N N 55  
ASP N   H    sing N N 56  
ASP N   H2   sing N N 57  
ASP CA  C    sing N N 58  
ASP CA  CB   sing N N 59  
ASP CA  HA   sing N N 60  
ASP C   O    doub N N 61  
ASP C   OXT  sing N N 62  
ASP CB  CG   sing N N 63  
ASP CB  HB2  sing N N 64  
ASP CB  HB3  sing N N 65  
ASP CG  OD1  doub N N 66  
ASP CG  OD2  sing N N 67  
ASP OD2 HD2  sing N N 68  
ASP OXT HXT  sing N N 69  
CYS N   CA   sing N N 70  
CYS N   H    sing N N 71  
CYS N   H2   sing N N 72  
CYS CA  C    sing N N 73  
CYS CA  CB   sing N N 74  
CYS CA  HA   sing N N 75  
CYS C   O    doub N N 76  
CYS C   OXT  sing N N 77  
CYS CB  SG   sing N N 78  
CYS CB  HB2  sing N N 79  
CYS CB  HB3  sing N N 80  
CYS SG  HG   sing N N 81  
CYS OXT HXT  sing N N 82  
GLN N   CA   sing N N 83  
GLN N   H    sing N N 84  
GLN N   H2   sing N N 85  
GLN CA  C    sing N N 86  
GLN CA  CB   sing N N 87  
GLN CA  HA   sing N N 88  
GLN C   O    doub N N 89  
GLN C   OXT  sing N N 90  
GLN CB  CG   sing N N 91  
GLN CB  HB2  sing N N 92  
GLN CB  HB3  sing N N 93  
GLN CG  CD   sing N N 94  
GLN CG  HG2  sing N N 95  
GLN CG  HG3  sing N N 96  
GLN CD  OE1  doub N N 97  
GLN CD  NE2  sing N N 98  
GLN NE2 HE21 sing N N 99  
GLN NE2 HE22 sing N N 100 
GLN OXT HXT  sing N N 101 
GLU N   CA   sing N N 102 
GLU N   H    sing N N 103 
GLU N   H2   sing N N 104 
GLU CA  C    sing N N 105 
GLU CA  CB   sing N N 106 
GLU CA  HA   sing N N 107 
GLU C   O    doub N N 108 
GLU C   OXT  sing N N 109 
GLU CB  CG   sing N N 110 
GLU CB  HB2  sing N N 111 
GLU CB  HB3  sing N N 112 
GLU CG  CD   sing N N 113 
GLU CG  HG2  sing N N 114 
GLU CG  HG3  sing N N 115 
GLU CD  OE1  doub N N 116 
GLU CD  OE2  sing N N 117 
GLU OE2 HE2  sing N N 118 
GLU OXT HXT  sing N N 119 
GLY N   CA   sing N N 120 
GLY N   H    sing N N 121 
GLY N   H2   sing N N 122 
GLY CA  C    sing N N 123 
GLY CA  HA2  sing N N 124 
GLY CA  HA3  sing N N 125 
GLY C   O    doub N N 126 
GLY C   OXT  sing N N 127 
GLY OXT HXT  sing N N 128 
HIS N   CA   sing N N 129 
HIS N   H    sing N N 130 
HIS N   H2   sing N N 131 
HIS CA  C    sing N N 132 
HIS CA  CB   sing N N 133 
HIS CA  HA   sing N N 134 
HIS C   O    doub N N 135 
HIS C   OXT  sing N N 136 
HIS CB  CG   sing N N 137 
HIS CB  HB2  sing N N 138 
HIS CB  HB3  sing N N 139 
HIS CG  ND1  sing Y N 140 
HIS CG  CD2  doub Y N 141 
HIS ND1 CE1  doub Y N 142 
HIS ND1 HD1  sing N N 143 
HIS CD2 NE2  sing Y N 144 
HIS CD2 HD2  sing N N 145 
HIS CE1 NE2  sing Y N 146 
HIS CE1 HE1  sing N N 147 
HIS NE2 HE2  sing N N 148 
HIS OXT HXT  sing N N 149 
HOH O   H1   sing N N 150 
HOH O   H2   sing N N 151 
I3C I3  C6   sing N N 152 
I3C I2  C4   sing N N 153 
I3C I1  C2   sing N N 154 
I3C O8  C7   doub N N 155 
I3C O9  C7   sing N N 156 
I3C C10 C3   sing N N 157 
I3C C10 O11  sing N N 158 
I3C C10 O12  doub N N 159 
I3C N13 C5   sing N N 160 
I3C C1  C6   doub Y N 161 
I3C C1  C2   sing Y N 162 
I3C C1  C7   sing N N 163 
I3C C6  C5   sing Y N 164 
I3C C5  C4   doub Y N 165 
I3C C4  C3   sing Y N 166 
I3C C3  C2   doub Y N 167 
I3C O9  HO9  sing N N 168 
I3C N13 HN13 sing N N 169 
I3C N13 HN1A sing N N 170 
I3C O11 HO11 sing N N 171 
ILE N   CA   sing N N 172 
ILE N   H    sing N N 173 
ILE N   H2   sing N N 174 
ILE CA  C    sing N N 175 
ILE CA  CB   sing N N 176 
ILE CA  HA   sing N N 177 
ILE C   O    doub N N 178 
ILE C   OXT  sing N N 179 
ILE CB  CG1  sing N N 180 
ILE CB  CG2  sing N N 181 
ILE CB  HB   sing N N 182 
ILE CG1 CD1  sing N N 183 
ILE CG1 HG12 sing N N 184 
ILE CG1 HG13 sing N N 185 
ILE CG2 HG21 sing N N 186 
ILE CG2 HG22 sing N N 187 
ILE CG2 HG23 sing N N 188 
ILE CD1 HD11 sing N N 189 
ILE CD1 HD12 sing N N 190 
ILE CD1 HD13 sing N N 191 
ILE OXT HXT  sing N N 192 
LEU N   CA   sing N N 193 
LEU N   H    sing N N 194 
LEU N   H2   sing N N 195 
LEU CA  C    sing N N 196 
LEU CA  CB   sing N N 197 
LEU CA  HA   sing N N 198 
LEU C   O    doub N N 199 
LEU C   OXT  sing N N 200 
LEU CB  CG   sing N N 201 
LEU CB  HB2  sing N N 202 
LEU CB  HB3  sing N N 203 
LEU CG  CD1  sing N N 204 
LEU CG  CD2  sing N N 205 
LEU CG  HG   sing N N 206 
LEU CD1 HD11 sing N N 207 
LEU CD1 HD12 sing N N 208 
LEU CD1 HD13 sing N N 209 
LEU CD2 HD21 sing N N 210 
LEU CD2 HD22 sing N N 211 
LEU CD2 HD23 sing N N 212 
LEU OXT HXT  sing N N 213 
LYS N   CA   sing N N 214 
LYS N   H    sing N N 215 
LYS N   H2   sing N N 216 
LYS CA  C    sing N N 217 
LYS CA  CB   sing N N 218 
LYS CA  HA   sing N N 219 
LYS C   O    doub N N 220 
LYS C   OXT  sing N N 221 
LYS CB  CG   sing N N 222 
LYS CB  HB2  sing N N 223 
LYS CB  HB3  sing N N 224 
LYS CG  CD   sing N N 225 
LYS CG  HG2  sing N N 226 
LYS CG  HG3  sing N N 227 
LYS CD  CE   sing N N 228 
LYS CD  HD2  sing N N 229 
LYS CD  HD3  sing N N 230 
LYS CE  NZ   sing N N 231 
LYS CE  HE2  sing N N 232 
LYS CE  HE3  sing N N 233 
LYS NZ  HZ1  sing N N 234 
LYS NZ  HZ2  sing N N 235 
LYS NZ  HZ3  sing N N 236 
LYS OXT HXT  sing N N 237 
MET N   CA   sing N N 238 
MET N   H    sing N N 239 
MET N   H2   sing N N 240 
MET CA  C    sing N N 241 
MET CA  CB   sing N N 242 
MET CA  HA   sing N N 243 
MET C   O    doub N N 244 
MET C   OXT  sing N N 245 
MET CB  CG   sing N N 246 
MET CB  HB2  sing N N 247 
MET CB  HB3  sing N N 248 
MET CG  SD   sing N N 249 
MET CG  HG2  sing N N 250 
MET CG  HG3  sing N N 251 
MET SD  CE   sing N N 252 
MET CE  HE1  sing N N 253 
MET CE  HE2  sing N N 254 
MET CE  HE3  sing N N 255 
MET OXT HXT  sing N N 256 
PHE N   CA   sing N N 257 
PHE N   H    sing N N 258 
PHE N   H2   sing N N 259 
PHE CA  C    sing N N 260 
PHE CA  CB   sing N N 261 
PHE CA  HA   sing N N 262 
PHE C   O    doub N N 263 
PHE C   OXT  sing N N 264 
PHE CB  CG   sing N N 265 
PHE CB  HB2  sing N N 266 
PHE CB  HB3  sing N N 267 
PHE CG  CD1  doub Y N 268 
PHE CG  CD2  sing Y N 269 
PHE CD1 CE1  sing Y N 270 
PHE CD1 HD1  sing N N 271 
PHE CD2 CE2  doub Y N 272 
PHE CD2 HD2  sing N N 273 
PHE CE1 CZ   doub Y N 274 
PHE CE1 HE1  sing N N 275 
PHE CE2 CZ   sing Y N 276 
PHE CE2 HE2  sing N N 277 
PHE CZ  HZ   sing N N 278 
PHE OXT HXT  sing N N 279 
PRO N   CA   sing N N 280 
PRO N   CD   sing N N 281 
PRO N   H    sing N N 282 
PRO CA  C    sing N N 283 
PRO CA  CB   sing N N 284 
PRO CA  HA   sing N N 285 
PRO C   O    doub N N 286 
PRO C   OXT  sing N N 287 
PRO CB  CG   sing N N 288 
PRO CB  HB2  sing N N 289 
PRO CB  HB3  sing N N 290 
PRO CG  CD   sing N N 291 
PRO CG  HG2  sing N N 292 
PRO CG  HG3  sing N N 293 
PRO CD  HD2  sing N N 294 
PRO CD  HD3  sing N N 295 
PRO OXT HXT  sing N N 296 
SER N   CA   sing N N 297 
SER N   H    sing N N 298 
SER N   H2   sing N N 299 
SER CA  C    sing N N 300 
SER CA  CB   sing N N 301 
SER CA  HA   sing N N 302 
SER C   O    doub N N 303 
SER C   OXT  sing N N 304 
SER CB  OG   sing N N 305 
SER CB  HB2  sing N N 306 
SER CB  HB3  sing N N 307 
SER OG  HG   sing N N 308 
SER OXT HXT  sing N N 309 
SO4 S   O1   doub N N 310 
SO4 S   O2   doub N N 311 
SO4 S   O3   sing N N 312 
SO4 S   O4   sing N N 313 
THR N   CA   sing N N 314 
THR N   H    sing N N 315 
THR N   H2   sing N N 316 
THR CA  C    sing N N 317 
THR CA  CB   sing N N 318 
THR CA  HA   sing N N 319 
THR C   O    doub N N 320 
THR C   OXT  sing N N 321 
THR CB  OG1  sing N N 322 
THR CB  CG2  sing N N 323 
THR CB  HB   sing N N 324 
THR OG1 HG1  sing N N 325 
THR CG2 HG21 sing N N 326 
THR CG2 HG22 sing N N 327 
THR CG2 HG23 sing N N 328 
THR OXT HXT  sing N N 329 
TYR N   CA   sing N N 330 
TYR N   H    sing N N 331 
TYR N   H2   sing N N 332 
TYR CA  C    sing N N 333 
TYR CA  CB   sing N N 334 
TYR CA  HA   sing N N 335 
TYR C   O    doub N N 336 
TYR C   OXT  sing N N 337 
TYR CB  CG   sing N N 338 
TYR CB  HB2  sing N N 339 
TYR CB  HB3  sing N N 340 
TYR CG  CD1  doub Y N 341 
TYR CG  CD2  sing Y N 342 
TYR CD1 CE1  sing Y N 343 
TYR CD1 HD1  sing N N 344 
TYR CD2 CE2  doub Y N 345 
TYR CD2 HD2  sing N N 346 
TYR CE1 CZ   doub Y N 347 
TYR CE1 HE1  sing N N 348 
TYR CE2 CZ   sing Y N 349 
TYR CE2 HE2  sing N N 350 
TYR CZ  OH   sing N N 351 
TYR OH  HH   sing N N 352 
TYR OXT HXT  sing N N 353 
VAL N   CA   sing N N 354 
VAL N   H    sing N N 355 
VAL N   H2   sing N N 356 
VAL CA  C    sing N N 357 
VAL CA  CB   sing N N 358 
VAL CA  HA   sing N N 359 
VAL C   O    doub N N 360 
VAL C   OXT  sing N N 361 
VAL CB  CG1  sing N N 362 
VAL CB  CG2  sing N N 363 
VAL CB  HB   sing N N 364 
VAL CG1 HG11 sing N N 365 
VAL CG1 HG12 sing N N 366 
VAL CG1 HG13 sing N N 367 
VAL CG2 HG21 sing N N 368 
VAL CG2 HG22 sing N N 369 
VAL CG2 HG23 sing N N 370 
VAL OXT HXT  sing N N 371 
# 
_atom_sites.entry_id                    2Y1B 
_atom_sites.fract_transf_matrix[1][1]   -0.02058275 
_atom_sites.fract_transf_matrix[1][2]   -0.00200383 
_atom_sites.fract_transf_matrix[1][3]   -0.00137601 
_atom_sites.fract_transf_matrix[2][1]   -0.01062323 
_atom_sites.fract_transf_matrix[2][2]   0.01134678 
_atom_sites.fract_transf_matrix[2][3]   -0.01371001 
_atom_sites.fract_transf_matrix[3][1]   0.00187777 
_atom_sites.fract_transf_matrix[3][2]   -0.01166134 
_atom_sites.fract_transf_matrix[3][3]   -0.01110624 
_atom_sites.fract_transf_vector[1]      0.628575 
_atom_sites.fract_transf_vector[2]      0.398003 
_atom_sites.fract_transf_vector[3]      0.034444 
# 
loop_
_atom_type.symbol 
C 
I 
N 
O 
S 
# 
loop_
_atom_site.group_PDB 
_atom_site.id 
_atom_site.type_symbol 
_atom_site.label_atom_id 
_atom_site.label_alt_id 
_atom_site.label_comp_id 
_atom_site.label_asym_id 
_atom_site.label_entity_id 
_atom_site.label_seq_id 
_atom_site.pdbx_PDB_ins_code 
_atom_site.Cartn_x 
_atom_site.Cartn_y 
_atom_site.Cartn_z 
_atom_site.occupancy 
_atom_site.B_iso_or_equiv 
_atom_site.pdbx_formal_charge 
_atom_site.auth_seq_id 
_atom_site.auth_comp_id 
_atom_site.auth_asym_id 
_atom_site.auth_atom_id 
_atom_site.pdbx_PDB_model_num 
ATOM   1   N N   . THR A 1 33  ? -11.279 1.578   -6.361  1.00 55.84 ? 47   THR A N   1 
ATOM   2   C CA  . THR A 1 33  ? -10.657 0.861   -5.191  1.00 55.71 ? 47   THR A CA  1 
ATOM   3   C C   . THR A 1 33  ? -11.663 0.385   -4.109  1.00 54.97 ? 47   THR A C   1 
ATOM   4   O O   . THR A 1 33  ? -11.465 0.639   -2.884  1.00 55.82 ? 47   THR A O   1 
ATOM   5   C CB  . THR A 1 33  ? -9.465  1.669   -4.565  1.00 55.61 ? 47   THR A CB  1 
ATOM   6   O OG1 . THR A 1 33  ? -9.883  2.972   -4.118  1.00 56.93 ? 47   THR A OG1 1 
ATOM   7   C CG2 . THR A 1 33  ? -8.398  1.832   -5.596  1.00 56.21 ? 47   THR A CG2 1 
ATOM   8   N N   . PRO A 1 34  ? -12.729 -0.347  -4.564  1.00 53.31 ? 48   PRO A N   1 
ATOM   9   C CA  . PRO A 1 34  ? -13.416 -1.339  -3.703  1.00 50.70 ? 48   PRO A CA  1 
ATOM   10  C C   . PRO A 1 34  ? -12.463 -2.549  -3.565  1.00 47.67 ? 48   PRO A C   1 
ATOM   11  O O   . PRO A 1 34  ? -12.871 -3.722  -3.708  1.00 47.58 ? 48   PRO A O   1 
ATOM   12  C CB  . PRO A 1 34  ? -14.688 -1.686  -4.504  1.00 51.10 ? 48   PRO A CB  1 
ATOM   13  C CG  . PRO A 1 34  ? -14.252 -1.566  -5.964  1.00 52.47 ? 48   PRO A CG  1 
ATOM   14  C CD  . PRO A 1 34  ? -13.154 -0.471  -5.989  1.00 53.65 ? 48   PRO A CD  1 
ATOM   15  N N   . VAL A 1 35  ? -11.188 -2.215  -3.325  1.00 42.84 ? 49   VAL A N   1 
ATOM   16  C CA  . VAL A 1 35  ? -10.119 -3.153  -3.135  1.00 38.30 ? 49   VAL A CA  1 
ATOM   17  C C   . VAL A 1 35  ? -10.056 -3.235  -1.659  1.00 36.80 ? 49   VAL A C   1 
ATOM   18  O O   . VAL A 1 35  ? -9.745  -2.255  -0.992  1.00 35.73 ? 49   VAL A O   1 
ATOM   19  C CB  . VAL A 1 35  ? -8.784  -2.615  -3.666  1.00 37.42 ? 49   VAL A CB  1 
ATOM   20  C CG1 . VAL A 1 35  ? -7.641  -3.487  -3.199  1.00 32.48 ? 49   VAL A CG1 1 
ATOM   21  C CG2 . VAL A 1 35  ? -8.844  -2.525  -5.152  1.00 33.07 ? 49   VAL A CG2 1 
ATOM   22  N N   . ARG A 1 36  ? -10.421 -4.385  -1.146  1.00 35.32 ? 50   ARG A N   1 
ATOM   23  C CA  . ARG A 1 36  ? -10.390 -4.621  0.284   1.00 35.01 ? 50   ARG A CA  1 
ATOM   24  C C   . ARG A 1 36  ? -8.972  -4.759  0.783   1.00 33.31 ? 50   ARG A C   1 
ATOM   25  O O   . ARG A 1 36  ? -8.197  -5.520  0.246   1.00 33.04 ? 50   ARG A O   1 
ATOM   26  C CB  . ARG A 1 36  ? -11.165 -5.885  0.614   1.00 35.18 ? 50   ARG A CB  1 
ATOM   27  C CG  . ARG A 1 36  ? -11.152 -6.252  2.097   1.00 39.20 ? 50   ARG A CG  1 
ATOM   28  C CD  . ARG A 1 36  ? -12.461 -6.922  2.486   1.00 46.64 ? 50   ARG A CD  1 
ATOM   29  N NE  . ARG A 1 36  ? -12.462 -7.414  3.867   1.00 52.88 ? 50   ARG A NE  1 
ATOM   30  C CZ  . ARG A 1 36  ? -13.198 -8.449  4.301   1.00 58.16 ? 50   ARG A CZ  1 
ATOM   31  N NH1 . ARG A 1 36  ? -13.996 -9.134  3.471   1.00 59.76 ? 50   ARG A NH1 1 
ATOM   32  N NH2 . ARG A 1 36  ? -13.125 -8.825  5.575   1.00 60.24 ? 50   ARG A NH2 1 
ATOM   33  N N   . ILE A 1 37  ? -8.637  -4.027  1.822   1.00 31.97 ? 51   ILE A N   1 
ATOM   34  C CA  . ILE A 1 37  ? -7.339  -4.156  2.422   1.00 32.32 ? 51   ILE A CA  1 
ATOM   35  C C   . ILE A 1 37  ? -7.400  -5.137  3.554   1.00 31.57 ? 51   ILE A C   1 
ATOM   36  O O   . ILE A 1 37  ? -8.141  -4.930  4.507   1.00 32.75 ? 51   ILE A O   1 
ATOM   37  C CB  . ILE A 1 37  ? -6.799  -2.826  2.937   1.00 32.52 ? 51   ILE A CB  1 
ATOM   38  C CG1 . ILE A 1 37  ? -6.650  -1.853  1.775   1.00 33.12 ? 51   ILE A CG1 1 
ATOM   39  C CG2 . ILE A 1 37  ? -5.446  -3.049  3.575   1.00 33.18 ? 51   ILE A CG2 1 
ATOM   40  C CD1 . ILE A 1 37  ? -6.847  -0.411  2.137   1.00 34.76 ? 51   ILE A CD1 1 
ATOM   41  N N   . TYR A 1 38  ? -6.652  -6.233  3.422   1.00 30.87 ? 52   TYR A N   1 
ATOM   42  C CA  . TYR A 1 38  ? -6.379  -7.158  4.530   1.00 29.09 ? 52   TYR A CA  1 
ATOM   43  C C   . TYR A 1 38  ? -5.040  -6.788  5.134   1.00 29.44 ? 52   TYR A C   1 
ATOM   44  O O   . TYR A 1 38  ? -4.193  -6.224  4.456   1.00 27.33 ? 52   TYR A O   1 
ATOM   45  C CB  . TYR A 1 38  ? -6.318  -8.576  4.026   1.00 29.12 ? 52   TYR A CB  1 
ATOM   46  C CG  . TYR A 1 38  ? -7.600  -9.114  3.443   1.00 30.40 ? 52   TYR A CG  1 
ATOM   47  C CD1 . TYR A 1 38  ? -8.537  -9.743  4.259   1.00 31.81 ? 52   TYR A CD1 1 
ATOM   48  C CD2 . TYR A 1 38  ? -7.899  -8.970  2.094   1.00 28.65 ? 52   TYR A CD2 1 
ATOM   49  C CE1 . TYR A 1 38  ? -9.705  -10.283 3.749   1.00 32.19 ? 52   TYR A CE1 1 
ATOM   50  C CE2 . TYR A 1 38  ? -9.096  -9.489  1.570   1.00 35.79 ? 52   TYR A CE2 1 
ATOM   51  C CZ  . TYR A 1 38  ? -9.983  -10.167 2.416   1.00 34.66 ? 52   TYR A CZ  1 
ATOM   52  O OH  . TYR A 1 38  ? -11.176 -10.690 1.938   1.00 42.33 ? 52   TYR A OH  1 
ATOM   53  N N   . THR A 1 39  ? -4.860  -7.061  6.423   1.00 29.89 ? 53   THR A N   1 
ATOM   54  C CA  . THR A 1 39  ? -3.663  -6.617  7.135   1.00 30.29 ? 53   THR A CA  1 
ATOM   55  C C   . THR A 1 39  ? -2.959  -7.780  7.796   1.00 31.23 ? 53   THR A C   1 
ATOM   56  O O   . THR A 1 39  ? -1.910  -7.615  8.392   1.00 30.19 ? 53   THR A O   1 
ATOM   57  C CB  . THR A 1 39  ? -3.997  -5.495  8.181   1.00 31.51 ? 53   THR A CB  1 
ATOM   58  O OG1 . THR A 1 39  ? -5.018  -5.962  9.062   1.00 33.02 ? 53   THR A OG1 1 
ATOM   59  C CG2 . THR A 1 39  ? -4.509  -4.229  7.462   1.00 25.61 ? 53   THR A CG2 1 
ATOM   60  N N   . ASN A 1 40  ? -3.509  -8.975  7.613   1.00 31.85 ? 54   ASN A N   1 
ATOM   61  C CA  . ASN A 1 40  ? -2.984  -10.126 8.277   1.00 33.65 ? 54   ASN A CA  1 
ATOM   62  C C   . ASN A 1 40  ? -3.291  -11.307 7.418   1.00 32.26 ? 54   ASN A C   1 
ATOM   63  O O   . ASN A 1 40  ? -4.425  -11.456 6.958   1.00 31.94 ? 54   ASN A O   1 
ATOM   64  C CB  . ASN A 1 40  ? -3.704  -10.273 9.625   1.00 34.61 ? 54   ASN A CB  1 
ATOM   65  C CG  . ASN A 1 40  ? -2.796  -10.720 10.704  1.00 40.81 ? 54   ASN A CG  1 
ATOM   66  O OD1 . ASN A 1 40  ? -2.509  -11.936 10.833  1.00 50.24 ? 54   ASN A OD1 1 
ATOM   67  N ND2 . ASN A 1 40  ? -2.325  -9.758  11.523  1.00 47.64 ? 54   ASN A ND2 1 
ATOM   68  N N   . ALA A 1 41  ? -2.307  -12.160 7.216   1.00 31.95 ? 55   ALA A N   1 
ATOM   69  C CA  . ALA A 1 41  ? -2.505  -13.363 6.388   1.00 32.02 ? 55   ALA A CA  1 
ATOM   70  C C   . ALA A 1 41  ? -3.521  -14.294 7.000   1.00 31.86 ? 55   ALA A C   1 
ATOM   71  O O   . ALA A 1 41  ? -4.106  -15.075 6.299   1.00 30.09 ? 55   ALA A O   1 
ATOM   72  C CB  . ALA A 1 41  ? -1.184  -14.093 6.184   1.00 32.01 ? 55   ALA A CB  1 
ATOM   73  N N   . GLU A 1 42  ? -3.729  -14.197 8.313   1.00 32.11 ? 56   GLU A N   1 
ATOM   74  C CA  . GLU A 1 42  ? -4.691  -15.051 9.020   1.00 33.44 ? 56   GLU A CA  1 
ATOM   75  C C   . GLU A 1 42  ? -6.071  -14.834 8.471   1.00 32.36 ? 56   GLU A C   1 
ATOM   76  O O   . GLU A 1 42  ? -6.863  -15.739 8.381   1.00 31.23 ? 56   GLU A O   1 
ATOM   77  C CB  . GLU A 1 42  ? -4.701  -14.768 10.525  1.00 34.10 ? 56   GLU A CB  1 
ATOM   78  C CG  . GLU A 1 42  ? -5.711  -15.665 11.332  1.00 38.28 ? 56   GLU A CG  1 
ATOM   79  C CD  . GLU A 1 42  ? -5.290  -17.169 11.423  1.00 44.06 ? 56   GLU A CD  1 
ATOM   80  O OE1 . GLU A 1 42  ? -4.085  -17.476 11.189  1.00 48.33 ? 56   GLU A OE1 1 
ATOM   81  O OE2 . GLU A 1 42  ? -6.152  -18.049 11.716  1.00 45.72 ? 56   GLU A OE2 1 
ATOM   82  N N   . GLU A 1 43  ? -6.339  -13.602 8.074   1.00 32.66 ? 57   GLU A N   1 
ATOM   83  C CA  . GLU A 1 43  ? -7.622  -13.242 7.508   1.00 32.24 ? 57   GLU A CA  1 
ATOM   84  C C   . GLU A 1 43  ? -7.885  -13.957 6.188   1.00 32.24 ? 57   GLU A C   1 
ATOM   85  O O   . GLU A 1 43  ? -9.030  -14.018 5.721   1.00 30.83 ? 57   GLU A O   1 
ATOM   86  C CB  . GLU A 1 43  ? -7.654  -11.730 7.296   1.00 33.07 ? 57   GLU A CB  1 
ATOM   87  C CG  . GLU A 1 43  ? -7.471  -10.913 8.542   1.00 34.38 ? 57   GLU A CG  1 
ATOM   88  C CD  . GLU A 1 43  ? -7.421  -9.409  8.264   1.00 41.01 ? 57   GLU A CD  1 
ATOM   89  O OE1 . GLU A 1 43  ? -6.843  -8.929  7.249   1.00 42.10 ? 57   GLU A OE1 1 
ATOM   90  O OE2 . GLU A 1 43  ? -7.997  -8.666  9.079   1.00 49.04 ? 57   GLU A OE2 1 
ATOM   91  N N   . LEU A 1 44  ? -6.815  -14.460 5.554   1.00 31.79 ? 58   LEU A N   1 
ATOM   92  C CA  . LEU A 1 44  ? -6.913  -15.122 4.247   1.00 30.96 ? 58   LEU A CA  1 
ATOM   93  C C   . LEU A 1 44  ? -7.045  -16.640 4.344   1.00 30.50 ? 58   LEU A C   1 
ATOM   94  O O   . LEU A 1 44  ? -7.291  -17.289 3.358   1.00 29.30 ? 58   LEU A O   1 
ATOM   95  C CB  . LEU A 1 44  ? -5.686  -14.781 3.372   1.00 30.50 ? 58   LEU A CB  1 
ATOM   96  C CG  . LEU A 1 44  ? -5.502  -13.349 2.853   1.00 29.26 ? 58   LEU A CG  1 
ATOM   97  C CD1 . LEU A 1 44  ? -4.088  -13.260 2.199   1.00 27.51 ? 58   LEU A CD1 1 
ATOM   98  C CD2 . LEU A 1 44  ? -6.636  -12.940 1.895   1.00 24.66 ? 58   LEU A CD2 1 
ATOM   99  N N   . VAL A 1 45  ? -6.886  -17.182 5.531   1.00 31.64 ? 59   VAL A N   1 
ATOM   100 C CA  . VAL A 1 45  ? -6.935  -18.605 5.709   1.00 33.54 ? 59   VAL A CA  1 
ATOM   101 C C   . VAL A 1 45  ? -8.256  -19.063 5.185   1.00 35.44 ? 59   VAL A C   1 
ATOM   102 O O   . VAL A 1 45  ? -9.297  -18.542 5.558   1.00 35.80 ? 59   VAL A O   1 
ATOM   103 C CB  . VAL A 1 45  ? -6.668  -19.066 7.194   1.00 33.23 ? 59   VAL A CB  1 
ATOM   104 C CG1 . VAL A 1 45  ? -6.849  -20.572 7.354   1.00 35.05 ? 59   VAL A CG1 1 
ATOM   105 C CG2 . VAL A 1 45  ? -5.273  -18.740 7.595   1.00 31.49 ? 59   VAL A CG2 1 
ATOM   106 N N   . GLY A 1 46  ? -8.184  -19.976 4.224   1.00 37.85 ? 60   GLY A N   1 
ATOM   107 C CA  . GLY A 1 46  ? -9.349  -20.593 3.648   1.00 39.41 ? 60   GLY A CA  1 
ATOM   108 C C   . GLY A 1 46  ? -9.980  -19.856 2.493   1.00 40.66 ? 60   GLY A C   1 
ATOM   109 O O   . GLY A 1 46  ? -11.041 -20.255 2.029   1.00 42.03 ? 60   GLY A O   1 
ATOM   110 N N   . LYS A 1 47  ? -9.368  -18.764 2.037   1.00 40.91 ? 61   LYS A N   1 
ATOM   111 C CA  . LYS A 1 47  ? -9.837  -18.101 0.818   1.00 39.91 ? 61   LYS A CA  1 
ATOM   112 C C   . LYS A 1 47  ? -8.728  -18.315 -0.248  1.00 38.02 ? 61   LYS A C   1 
ATOM   113 O O   . LYS A 1 47  ? -7.707  -17.658 -0.179  1.00 38.34 ? 61   LYS A O   1 
ATOM   114 C CB  . LYS A 1 47  ? -10.097 -16.575 1.023   1.00 40.18 ? 61   LYS A CB  1 
ATOM   115 C CG  . LYS A 1 47  ? -10.487 -16.054 2.452   1.00 43.42 ? 61   LYS A CG  1 
ATOM   116 C CD  . LYS A 1 47  ? -11.940 -15.556 2.590   1.00 48.54 ? 61   LYS A CD  1 
ATOM   117 C CE  . LYS A 1 47  ? -12.240 -14.223 1.828   1.00 51.25 ? 61   LYS A CE  1 
ATOM   118 N NZ  . LYS A 1 47  ? -13.638 -14.182 1.129   1.00 51.99 ? 61   LYS A NZ  1 
ATOM   119 N N   . PRO A 1 48  ? -8.921  -19.224 -1.223  1.00 35.58 ? 62   PRO A N   1 
ATOM   120 C CA  . PRO A 1 48  ? -7.972  -19.264 -2.343  1.00 32.74 ? 62   PRO A CA  1 
ATOM   121 C C   . PRO A 1 48  ? -7.951  -17.961 -3.108  1.00 30.17 ? 62   PRO A C   1 
ATOM   122 O O   . PRO A 1 48  ? -8.943  -17.274 -3.167  1.00 29.41 ? 62   PRO A O   1 
ATOM   123 C CB  . PRO A 1 48  ? -8.503  -20.417 -3.237  1.00 33.39 ? 62   PRO A CB  1 
ATOM   124 C CG  . PRO A 1 48  ? -9.906  -20.617 -2.834  1.00 34.56 ? 62   PRO A CG  1 
ATOM   125 C CD  . PRO A 1 48  ? -9.965  -20.265 -1.350  1.00 36.68 ? 62   PRO A CD  1 
ATOM   126 N N   . PHE A 1 49  ? -6.821  -17.599 -3.689  1.00 27.19 ? 63   PHE A N   1 
ATOM   127 C CA  . PHE A 1 49  ? -6.704  -16.307 -4.421  1.00 25.14 ? 63   PHE A CA  1 
ATOM   128 C C   . PHE A 1 49  ? -5.598  -16.411 -5.393  1.00 24.41 ? 63   PHE A C   1 
ATOM   129 O O   . PHE A 1 49  ? -4.792  -17.319 -5.331  1.00 24.23 ? 63   PHE A O   1 
ATOM   130 C CB  . PHE A 1 49  ? -6.373  -15.104 -3.491  1.00 24.10 ? 63   PHE A CB  1 
ATOM   131 C CG  . PHE A 1 49  ? -5.150  -15.280 -2.697  1.00 21.95 ? 63   PHE A CG  1 
ATOM   132 C CD1 . PHE A 1 49  ? -5.208  -15.898 -1.504  1.00 24.55 ? 63   PHE A CD1 1 
ATOM   133 C CD2 . PHE A 1 49  ? -3.945  -14.818 -3.142  1.00 23.00 ? 63   PHE A CD2 1 
ATOM   134 C CE1 . PHE A 1 49  ? -4.082  -16.089 -0.759  1.00 25.33 ? 63   PHE A CE1 1 
ATOM   135 C CE2 . PHE A 1 49  ? -2.811  -15.011 -2.401  1.00 24.42 ? 63   PHE A CE2 1 
ATOM   136 C CZ  . PHE A 1 49  ? -2.903  -15.624 -1.191  1.00 24.18 ? 63   PHE A CZ  1 
ATOM   137 N N   . ARG A 1 50  ? -5.533  -15.444 -6.274  1.00 24.61 ? 64   ARG A N   1 
ATOM   138 C CA  . ARG A 1 50  ? -4.393  -15.304 -7.143  1.00 24.62 ? 64   ARG A CA  1 
ATOM   139 C C   . ARG A 1 50  ? -3.580  -14.108 -6.713  1.00 23.30 ? 64   ARG A C   1 
ATOM   140 O O   . ARG A 1 50  ? -4.060  -13.003 -6.648  1.00 22.54 ? 64   ARG A O   1 
ATOM   141 C CB  . ARG A 1 50  ? -4.855  -15.101 -8.559  1.00 25.38 ? 64   ARG A CB  1 
ATOM   142 C CG  . ARG A 1 50  ? -5.410  -16.363 -9.194  1.00 31.57 ? 64   ARG A CG  1 
ATOM   143 C CD  . ARG A 1 50  ? -6.408  -15.915 -10.175 1.00 38.60 ? 64   ARG A CD  1 
ATOM   144 N NE  . ARG A 1 50  ? -6.891  -16.962 -11.034 1.00 45.65 ? 64   ARG A NE  1 
ATOM   145 C CZ  . ARG A 1 50  ? -7.916  -16.771 -11.867 1.00 51.27 ? 64   ARG A CZ  1 
ATOM   146 N NH1 . ARG A 1 50  ? -8.528  -15.573 -11.921 1.00 49.90 ? 64   ARG A NH1 1 
ATOM   147 N NH2 . ARG A 1 50  ? -8.322  -17.773 -12.658 1.00 53.60 ? 64   ARG A NH2 1 
ATOM   148 N N   . ASP A 1 51  ? -2.318  -14.339 -6.459  1.00 22.31 ? 65   ASP A N   1 
ATOM   149 C CA  . ASP A 1 51  ? -1.398  -13.273 -6.271  1.00 21.09 ? 65   ASP A CA  1 
ATOM   150 C C   . ASP A 1 51  ? -1.049  -12.660 -7.592  1.00 20.66 ? 65   ASP A C   1 
ATOM   151 O O   . ASP A 1 51  ? -0.385  -13.265 -8.444  1.00 20.82 ? 65   ASP A O   1 
ATOM   152 C CB  . ASP A 1 51  ? -0.134  -13.813 -5.600  1.00 22.43 ? 65   ASP A CB  1 
ATOM   153 C CG  . ASP A 1 51  ? 0.836   -12.721 -5.255  1.00 21.14 ? 65   ASP A CG  1 
ATOM   154 O OD1 . ASP A 1 51  ? 0.448   -11.531 -5.370  1.00 23.86 ? 65   ASP A OD1 1 
ATOM   155 O OD2 . ASP A 1 51  ? 1.991   -13.040 -4.997  1.00 24.79 ? 65   ASP A OD2 1 
ATOM   156 N N   . LEU A 1 52  ? -1.469  -11.415 -7.762  1.00 20.69 ? 66   LEU A N   1 
ATOM   157 C CA  . LEU A 1 52  ? -1.220  -10.672 -8.978  1.00 20.31 ? 66   LEU A CA  1 
ATOM   158 C C   . LEU A 1 52  ? 0.075   -9.897  -8.914  1.00 20.28 ? 66   LEU A C   1 
ATOM   159 O O   . LEU A 1 52  ? 0.493   -9.386  -9.926  1.00 18.94 ? 66   LEU A O   1 
ATOM   160 C CB  . LEU A 1 52  ? -2.331  -9.672  -9.234  1.00 21.13 ? 66   LEU A CB  1 
ATOM   161 C CG  . LEU A 1 52  ? -3.767  -10.205 -9.182  1.00 22.26 ? 66   LEU A CG  1 
ATOM   162 C CD1 . LEU A 1 52  ? -4.650  -8.980  -9.247  1.00 23.00 ? 66   LEU A CD1 1 
ATOM   163 C CD2 . LEU A 1 52  ? -4.105  -11.211 -10.370 1.00 23.44 ? 66   LEU A CD2 1 
ATOM   164 N N   . GLY A 1 53  ? 0.724   -9.859  -7.761  1.00 19.58 ? 67   GLY A N   1 
ATOM   165 C CA  . GLY A 1 53  ? 2.022   -9.191  -7.649  1.00 19.83 ? 67   GLY A CA  1 
ATOM   166 C C   . GLY A 1 53  ? 2.083   -8.067  -6.622  1.00 19.33 ? 67   GLY A C   1 
ATOM   167 O O   . GLY A 1 53  ? 1.102   -7.707  -6.065  1.00 19.32 ? 67   GLY A O   1 
ATOM   168 N N   . GLU A 1 54  ? 3.273   -7.506  -6.404  1.00 20.80 ? 68   GLU A N   1 
ATOM   169 C CA  . GLU A 1 54  ? 3.497   -6.546  -5.318  1.00 21.08 ? 68   GLU A CA  1 
ATOM   170 C C   . GLU A 1 54  ? 3.124   -5.179  -5.779  1.00 19.72 ? 68   GLU A C   1 
ATOM   171 O O   . GLU A 1 54  ? 3.274   -4.856  -6.932  1.00 20.15 ? 68   GLU A O   1 
ATOM   172 C CB  . GLU A 1 54  ? 4.936   -6.607  -4.771  1.00 20.87 ? 68   GLU A CB  1 
ATOM   173 C CG  . GLU A 1 54  ? 5.367   -7.937  -4.063  1.00 21.90 ? 68   GLU A CG  1 
ATOM   174 C CD  . GLU A 1 54  ? 4.384   -8.475  -3.011  1.00 26.76 ? 68   GLU A CD  1 
ATOM   175 O OE1 . GLU A 1 54  ? 4.378   -7.940  -1.877  1.00 29.17 ? 68   GLU A OE1 1 
ATOM   176 O OE2 . GLU A 1 54  ? 3.643   -9.476  -3.284  1.00 30.25 ? 68   GLU A OE2 1 
ATOM   177 N N   . VAL A 1 55  ? 2.596   -4.388  -4.854  1.00 20.68 ? 69   VAL A N   1 
ATOM   178 C CA  . VAL A 1 55  ? 2.199   -2.999  -5.074  1.00 19.41 ? 69   VAL A CA  1 
ATOM   179 C C   . VAL A 1 55  ? 2.742   -2.181  -3.905  1.00 20.71 ? 69   VAL A C   1 
ATOM   180 O O   . VAL A 1 55  ? 2.988   -2.710  -2.784  1.00 21.51 ? 69   VAL A O   1 
ATOM   181 C CB  . VAL A 1 55  ? 0.652   -2.819  -5.157  1.00 20.31 ? 69   VAL A CB  1 
ATOM   182 C CG1 . VAL A 1 55  ? 0.109   -3.361  -6.466  1.00 20.06 ? 69   VAL A CG1 1 
ATOM   183 C CG2 . VAL A 1 55  ? -0.036  -3.492  -4.007  1.00 16.69 ? 69   VAL A CG2 1 
ATOM   184 N N   . SER A 1 56  ? 2.924   -0.908  -4.184  1.00 20.74 ? 70   SER A N   1 
ATOM   185 C CA  . SER A 1 56  ? 3.400   0.138   -3.254  1.00 21.25 ? 70   SER A CA  1 
ATOM   186 C C   . SER A 1 56  ? 2.605   1.412   -3.402  1.00 20.95 ? 70   SER A C   1 
ATOM   187 O O   . SER A 1 56  ? 2.223   1.738   -4.498  1.00 21.74 ? 70   SER A O   1 
ATOM   188 C CB  . SER A 1 56  ? 4.852   0.538   -3.589  1.00 20.50 ? 70   SER A CB  1 
ATOM   189 O OG  . SER A 1 56  ? 5.603   -0.561  -3.241  1.00 28.92 ? 70   SER A OG  1 
ATOM   190 N N   . GLY A 1 57  ? 2.466   2.172   -2.311  1.00 21.67 ? 71   GLY A N   1 
ATOM   191 C CA  . GLY A 1 57  ? 1.926   3.508   -2.339  1.00 21.48 ? 71   GLY A CA  1 
ATOM   192 C C   . GLY A 1 57  ? 2.767   4.375   -1.431  1.00 22.37 ? 71   GLY A C   1 
ATOM   193 O O   . GLY A 1 57  ? 3.231   3.944   -0.405  1.00 21.55 ? 71   GLY A O   1 
ATOM   194 N N   . ASP A 1 58  ? 3.009   5.606   -1.828  1.00 22.90 ? 72   ASP A N   1 
ATOM   195 C CA  . ASP A 1 58  ? 3.775   6.484   -0.975  1.00 24.23 ? 72   ASP A CA  1 
ATOM   196 C C   . ASP A 1 58  ? 3.169   7.899   -0.825  1.00 24.08 ? 72   ASP A C   1 
ATOM   197 O O   . ASP A 1 58  ? 2.297   8.334   -1.628  1.00 24.22 ? 72   ASP A O   1 
ATOM   198 C CB  . ASP A 1 58  ? 5.219   6.527   -1.493  1.00 23.65 ? 72   ASP A CB  1 
ATOM   199 C CG  . ASP A 1 58  ? 5.450   7.651   -2.444  1.00 29.24 ? 72   ASP A CG  1 
ATOM   200 O OD1 . ASP A 1 58  ? 4.634   7.811   -3.357  1.00 31.49 ? 72   ASP A OD1 1 
ATOM   201 O OD2 . ASP A 1 58  ? 6.463   8.380   -2.273  1.00 34.62 ? 72   ASP A OD2 1 
ATOM   202 N N   . SER A 1 59  ? 3.619   8.587   0.231   1.00 23.12 ? 73   SER A N   1 
ATOM   203 C CA  . SER A 1 59  ? 3.364   10.012  0.447   1.00 22.09 ? 73   SER A CA  1 
ATOM   204 C C   . SER A 1 59  ? 4.722   10.671  0.798   1.00 21.34 ? 73   SER A C   1 
ATOM   205 O O   . SER A 1 59  ? 5.417   10.203  1.724   1.00 22.71 ? 73   SER A O   1 
ATOM   206 C CB  . SER A 1 59  ? 2.297   10.249  1.527   1.00 22.08 ? 73   SER A CB  1 
ATOM   207 O OG  . SER A 1 59  ? 2.168   11.665  1.818   1.00 20.66 ? 73   SER A OG  1 
ATOM   208 N N   . CYS A 1 60  ? 5.123   11.669  -0.002  1.00 20.37 ? 74   CYS A N   1 
ATOM   209 C CA  . CYS A 1 60  ? 6.394   12.384  0.112   1.00 22.15 ? 74   CYS A CA  1 
ATOM   210 C C   . CYS A 1 60  ? 6.206   13.780  0.723   1.00 22.63 ? 74   CYS A C   1 
ATOM   211 O O   . CYS A 1 60  ? 5.424   14.609  0.194   1.00 21.99 ? 74   CYS A O   1 
ATOM   212 C CB  . CYS A 1 60  ? 7.054   12.517  -1.268  1.00 21.71 ? 74   CYS A CB  1 
ATOM   213 S SG  . CYS A 1 60  ? 8.637   13.365  -1.318  1.00 25.42 ? 74   CYS A SG  1 
ATOM   214 N N   . GLN A 1 61  ? 6.884   14.021  1.845   1.00 22.52 ? 75   GLN A N   1 
ATOM   215 C CA  . GLN A 1 61  ? 7.092   15.347  2.351   1.00 23.26 ? 75   GLN A CA  1 
ATOM   216 C C   . GLN A 1 61  ? 8.442   15.765  1.817   1.00 23.60 ? 75   GLN A C   1 
ATOM   217 O O   . GLN A 1 61  ? 9.493   15.329  2.335   1.00 23.31 ? 75   GLN A O   1 
ATOM   218 C CB  . GLN A 1 61  ? 7.120   15.370  3.886   1.00 24.00 ? 75   GLN A CB  1 
ATOM   219 C CG  . GLN A 1 61  ? 7.422   16.741  4.514   1.00 23.42 ? 75   GLN A CG  1 
ATOM   220 C CD  . GLN A 1 61  ? 7.543   16.718  6.019   1.00 25.67 ? 75   GLN A CD  1 
ATOM   221 O OE1 . GLN A 1 61  ? 7.793   15.680  6.620   1.00 20.46 ? 75   GLN A OE1 1 
ATOM   222 N NE2 . GLN A 1 61  ? 7.408   17.885  6.631   1.00 26.62 ? 75   GLN A NE2 1 
ATOM   223 N N   . ALA A 1 62  ? 8.392   16.660  0.838   1.00 25.13 ? 76   ALA A N   1 
ATOM   224 C CA  . ALA A 1 62  ? 9.570   17.096  0.054   1.00 26.76 ? 76   ALA A CA  1 
ATOM   225 C C   . ALA A 1 62  ? 10.519  17.909  0.915   1.00 29.21 ? 76   ALA A C   1 
ATOM   226 O O   . ALA A 1 62  ? 11.732  17.731  0.931   1.00 29.33 ? 76   ALA A O   1 
ATOM   227 C CB  . ALA A 1 62  ? 9.092   17.959  -1.087  1.00 26.65 ? 76   ALA A CB  1 
ATOM   228 N N   . SER A 1 63  ? 9.893   18.791  1.645   1.00 31.67 ? 77   SER A N   1 
ATOM   229 C CA  . SER A 1 63  ? 10.516  19.750  2.476   1.00 34.45 ? 77   SER A CA  1 
ATOM   230 C C   . SER A 1 63  ? 9.975   19.671  3.911   1.00 35.62 ? 77   SER A C   1 
ATOM   231 O O   . SER A 1 63  ? 8.824   19.336  4.128   1.00 35.19 ? 77   SER A O   1 
ATOM   232 C CB  . SER A 1 63  ? 10.079  21.100  1.925   1.00 34.58 ? 77   SER A CB  1 
ATOM   233 O OG  . SER A 1 63  ? 10.895  22.106  2.369   1.00 37.32 ? 77   SER A OG  1 
ATOM   234 N N   . ASN A 1 64  ? 10.821  20.101  4.853   1.00 38.04 ? 78   ASN A N   1 
ATOM   235 C CA  . ASN A 1 64  ? 10.442  20.600  6.166   1.00 39.04 ? 78   ASN A CA  1 
ATOM   236 C C   . ASN A 1 64  ? 9.231   21.407  6.237   1.00 38.99 ? 78   ASN A C   1 
ATOM   237 O O   . ASN A 1 64  ? 8.468   21.314  7.191   1.00 38.26 ? 78   ASN A O   1 
ATOM   238 C CB  . ASN A 1 64  ? 11.505  21.601  6.615   1.00 40.58 ? 78   ASN A CB  1 
ATOM   239 C CG  . ASN A 1 64  ? 12.694  20.946  7.071   1.00 44.09 ? 78   ASN A CG  1 
ATOM   240 O OD1 . ASN A 1 64  ? 12.599  19.824  7.560   1.00 51.17 ? 78   ASN A OD1 1 
ATOM   241 N ND2 . ASN A 1 64  ? 13.861  21.577  6.885   1.00 46.89 ? 78   ASN A ND2 1 
ATOM   242 N N   . GLN A 1 65  ? 9.158   22.341  5.298   1.00 39.38 ? 79   GLN A N   1 
ATOM   243 C CA  . GLN A 1 65  ? 8.099   23.320  5.269   1.00 39.21 ? 79   GLN A CA  1 
ATOM   244 C C   . GLN A 1 65  ? 6.765   22.706  4.870   1.00 38.07 ? 79   GLN A C   1 
ATOM   245 O O   . GLN A 1 65  ? 5.725   23.331  5.075   1.00 37.28 ? 79   GLN A O   1 
ATOM   246 C CB  . GLN A 1 65  ? 8.464   24.460  4.302   1.00 40.38 ? 79   GLN A CB  1 
ATOM   247 C CG  . GLN A 1 65  ? 9.476   25.534  4.874   1.00 44.75 ? 79   GLN A CG  1 
ATOM   248 C CD  . GLN A 1 65  ? 10.936  25.093  4.847   1.00 48.20 ? 79   GLN A CD  1 
ATOM   249 O OE1 . GLN A 1 65  ? 11.246  23.972  4.458   1.00 49.52 ? 79   GLN A OE1 1 
ATOM   250 N NE2 . GLN A 1 65  ? 11.832  25.979  5.267   1.00 49.71 ? 79   GLN A NE2 1 
ATOM   251 N N   . ASP A 1 66  ? 6.761   21.510  4.278   1.00 36.61 ? 80   ASP A N   1 
ATOM   252 C CA  . ASP A 1 66  ? 5.494   20.985  3.795   1.00 35.11 ? 80   ASP A CA  1 
ATOM   253 C C   . ASP A 1 66  ? 4.792   20.182  4.854   1.00 33.73 ? 80   ASP A C   1 
ATOM   254 O O   . ASP A 1 66  ? 5.385   19.834  5.859   1.00 33.34 ? 80   ASP A O   1 
ATOM   255 C CB  . ASP A 1 66  ? 5.689   20.098  2.581   1.00 35.51 ? 80   ASP A CB  1 
ATOM   256 C CG  . ASP A 1 66  ? 6.479   20.770  1.504   1.00 37.18 ? 80   ASP A CG  1 
ATOM   257 O OD1 . ASP A 1 66  ? 6.335   22.007  1.309   1.00 35.56 ? 80   ASP A OD1 1 
ATOM   258 O OD2 . ASP A 1 66  ? 7.261   20.043  0.850   1.00 40.51 ? 80   ASP A OD2 1 
ATOM   259 N N   . SER A 1 67  ? 3.534   19.833  4.591   1.00 32.32 ? 81   SER A N   1 
ATOM   260 C CA  . SER A 1 67  ? 2.810   18.888  5.452   1.00 31.31 ? 81   SER A CA  1 
ATOM   261 C C   . SER A 1 67  ? 3.592   17.602  5.680   1.00 28.76 ? 81   SER A C   1 
ATOM   262 O O   . SER A 1 67  ? 4.302   17.154  4.818   1.00 28.09 ? 81   SER A O   1 
ATOM   263 C CB  . SER A 1 67  ? 1.536   18.528  4.775   1.00 31.64 ? 81   SER A CB  1 
ATOM   264 O OG  . SER A 1 67  ? 0.699   19.654  4.759   1.00 39.07 ? 81   SER A OG  1 
ATOM   265 N N   . PRO A 1 68  ? 3.425   16.984  6.839   1.00 27.32 ? 82   PRO A N   1 
ATOM   266 C CA  . PRO A 1 68  ? 4.112   15.725  6.991   1.00 25.73 ? 82   PRO A CA  1 
ATOM   267 C C   . PRO A 1 68  ? 3.574   14.628  6.029   1.00 25.02 ? 82   PRO A C   1 
ATOM   268 O O   . PRO A 1 68  ? 2.501   14.782  5.427   1.00 23.80 ? 82   PRO A O   1 
ATOM   269 C CB  . PRO A 1 68  ? 3.890   15.381  8.457   1.00 26.12 ? 82   PRO A CB  1 
ATOM   270 C CG  . PRO A 1 68  ? 2.705   16.202  8.896   1.00 27.48 ? 82   PRO A CG  1 
ATOM   271 C CD  . PRO A 1 68  ? 2.676   17.402  8.046   1.00 26.71 ? 82   PRO A CD  1 
ATOM   272 N N   . PRO A 1 69  ? 4.287   13.513  5.927   1.00 23.89 ? 83   PRO A N   1 
ATOM   273 C CA  . PRO A 1 69  ? 3.829   12.415  5.072   1.00 23.72 ? 83   PRO A CA  1 
ATOM   274 C C   . PRO A 1 69  ? 2.440   11.955  5.484   1.00 22.27 ? 83   PRO A C   1 
ATOM   275 O O   . PRO A 1 69  ? 2.154   11.910  6.687   1.00 21.31 ? 83   PRO A O   1 
ATOM   276 C CB  . PRO A 1 69  ? 4.825   11.313  5.369   1.00 23.56 ? 83   PRO A CB  1 
ATOM   277 C CG  . PRO A 1 69  ? 5.963   11.934  5.932   1.00 25.03 ? 83   PRO A CG  1 
ATOM   278 C CD  . PRO A 1 69  ? 5.587   13.234  6.533   1.00 24.45 ? 83   PRO A CD  1 
ATOM   279 N N   . SER A 1 70  ? 1.605   11.582  4.506   1.00 20.90 ? 84   SER A N   1 
ATOM   280 C CA  . SER A 1 70  ? 0.260   11.118  4.760   1.00 19.49 ? 84   SER A CA  1 
ATOM   281 C C   . SER A 1 70  ? 0.167   9.606   4.710   1.00 19.45 ? 84   SER A C   1 
ATOM   282 O O   . SER A 1 70  ? 0.252   8.982   3.650   1.00 18.66 ? 84   SER A O   1 
ATOM   283 C CB  . SER A 1 70  ? -0.711  11.744  3.761   1.00 19.32 ? 84   SER A CB  1 
ATOM   284 O OG  . SER A 1 70  ? -1.984  11.159  3.896   1.00 18.35 ? 84   SER A OG  1 
ATOM   285 N N   . ILE A 1 71  ? -0.027  8.988   5.872   1.00 20.27 ? 85   ILE A N   1 
ATOM   286 C CA  . ILE A 1 71  ? -0.157  7.510   5.945   1.00 20.81 ? 85   ILE A CA  1 
ATOM   287 C C   . ILE A 1 71  ? -1.381  7.067   5.167   1.00 21.56 ? 85   ILE A C   1 
ATOM   288 O O   . ILE A 1 71  ? -1.326  6.134   4.391   1.00 21.12 ? 85   ILE A O   1 
ATOM   289 C CB  . ILE A 1 71  ? -0.186  6.996   7.420   1.00 21.33 ? 85   ILE A CB  1 
ATOM   290 C CG1 . ILE A 1 71  ? 1.204   7.130   8.049   1.00 23.01 ? 85   ILE A CG1 1 
ATOM   291 C CG2 . ILE A 1 71  ? -0.710  5.531   7.534   1.00 20.14 ? 85   ILE A CG2 1 
ATOM   292 C CD1 . ILE A 1 71  ? 1.196   6.860   9.569   1.00 28.91 ? 85   ILE A CD1 1 
ATOM   293 N N   . PRO A 1 72  ? -2.489  7.786   5.327   1.00 21.89 ? 86   PRO A N   1 
ATOM   294 C CA  . PRO A 1 72  ? -3.648  7.403   4.570   1.00 21.84 ? 86   PRO A CA  1 
ATOM   295 C C   . PRO A 1 72  ? -3.413  7.478   3.061   1.00 21.15 ? 86   PRO A C   1 
ATOM   296 O O   . PRO A 1 72  ? -3.879  6.636   2.339   1.00 21.67 ? 86   PRO A O   1 
ATOM   297 C CB  . PRO A 1 72  ? -4.701  8.436   4.996   1.00 23.21 ? 86   PRO A CB  1 
ATOM   298 C CG  . PRO A 1 72  ? -4.178  9.085   6.217   1.00 22.75 ? 86   PRO A CG  1 
ATOM   299 C CD  . PRO A 1 72  ? -2.729  8.949   6.206   1.00 23.01 ? 86   PRO A CD  1 
ATOM   300 N N   . THR A 1 73  ? -2.766  8.528   2.562   1.00 20.46 ? 87   THR A N   1 
ATOM   301 C CA  . THR A 1 73  ? -2.512  8.627   1.144   1.00 19.43 ? 87   THR A CA  1 
ATOM   302 C C   . THR A 1 73  ? -1.594  7.485   0.683   1.00 19.18 ? 87   THR A C   1 
ATOM   303 O O   . THR A 1 73  ? -1.815  6.924   -0.375  1.00 20.37 ? 87   THR A O   1 
ATOM   304 C CB  . THR A 1 73  ? -1.865  9.955   0.822   1.00 19.44 ? 87   THR A CB  1 
ATOM   305 O OG1 . THR A 1 73  ? -2.800  10.958  1.110   1.00 20.34 ? 87   THR A OG1 1 
ATOM   306 C CG2 . THR A 1 73  ? -1.451  10.072  -0.605  1.00 20.03 ? 87   THR A CG2 1 
ATOM   307 N N   . ALA A 1 74  ? -0.601  7.113   1.468   1.00 19.41 ? 88   ALA A N   1 
ATOM   308 C CA  . ALA A 1 74  ? 0.317   5.990   1.102   1.00 18.49 ? 88   ALA A CA  1 
ATOM   309 C C   . ALA A 1 74  ? -0.487  4.739   0.913   1.00 18.72 ? 88   ALA A C   1 
ATOM   310 O O   . ALA A 1 74  ? -0.343  4.007   -0.088  1.00 17.84 ? 88   ALA A O   1 
ATOM   311 C CB  . ALA A 1 74  ? 1.415   5.799   2.135   1.00 19.45 ? 88   ALA A CB  1 
ATOM   312 N N   . ARG A 1 75  ? -1.428  4.517   1.814   1.00 20.29 ? 89   ARG A N   1 
ATOM   313 C CA  . ARG A 1 75  ? -2.259  3.309   1.742   1.00 20.56 ? 89   ARG A CA  1 
ATOM   314 C C   . ARG A 1 75  ? -3.257  3.314   0.589   1.00 20.48 ? 89   ARG A C   1 
ATOM   315 O O   . ARG A 1 75  ? -3.519  2.261   -0.065  1.00 20.10 ? 89   ARG A O   1 
ATOM   316 C CB  . ARG A 1 75  ? -2.995  3.105   3.018   1.00 20.17 ? 89   ARG A CB  1 
ATOM   317 C CG  . ARG A 1 75  ? -3.567  1.758   3.049   1.00 25.32 ? 89   ARG A CG  1 
ATOM   318 C CD  . ARG A 1 75  ? -4.151  1.374   4.364   1.00 27.90 ? 89   ARG A CD  1 
ATOM   319 N NE  . ARG A 1 75  ? -5.589  1.552   4.378   1.00 30.07 ? 89   ARG A NE  1 
ATOM   320 C CZ  . ARG A 1 75  ? -6.407  0.853   5.150   1.00 32.18 ? 89   ARG A CZ  1 
ATOM   321 N NH1 . ARG A 1 75  ? -5.940  -0.081  5.986   1.00 33.47 ? 89   ARG A NH1 1 
ATOM   322 N NH2 . ARG A 1 75  ? -7.688  1.066   5.069   1.00 33.86 ? 89   ARG A NH2 1 
ATOM   323 N N   . LYS A 1 76  ? -3.850  4.464   0.356   1.00 21.53 ? 90   LYS A N   1 
ATOM   324 C CA  . LYS A 1 76  ? -4.764  4.611   -0.731  1.00 21.05 ? 90   LYS A CA  1 
ATOM   325 C C   . LYS A 1 76  ? -4.082  4.412   -2.033  1.00 20.62 ? 90   LYS A C   1 
ATOM   326 O O   . LYS A 1 76  ? -4.656  3.783   -2.903  1.00 19.94 ? 90   LYS A O   1 
ATOM   327 C CB  . LYS A 1 76  ? -5.369  5.994   -0.727  1.00 22.86 ? 90   LYS A CB  1 
ATOM   328 C CG  . LYS A 1 76  ? -6.303  6.287   -1.869  1.00 26.74 ? 90   LYS A CG  1 
ATOM   329 C CD  . LYS A 1 76  ? -6.447  7.880   -2.167  1.00 36.52 ? 90   LYS A CD  1 
ATOM   330 C CE  . LYS A 1 76  ? -5.058  8.667   -2.409  1.00 38.26 ? 90   LYS A CE  1 
ATOM   331 N NZ  . LYS A 1 76  ? -4.955  9.865   -3.359  1.00 36.66 ? 90   LYS A NZ  1 
ATOM   332 N N   . ARG A 1 77  ? -2.896  5.017   -2.231  1.00 19.85 ? 91   ARG A N   1 
ATOM   333 C CA  . ARG A 1 77  ? -2.186  4.844   -3.470  1.00 19.64 ? 91   ARG A CA  1 
ATOM   334 C C   . ARG A 1 77  ? -1.763  3.374   -3.781  1.00 20.09 ? 91   ARG A C   1 
ATOM   335 O O   . ARG A 1 77  ? -1.799  2.919   -4.920  1.00 21.35 ? 91   ARG A O   1 
ATOM   336 C CB  . ARG A 1 77  ? -0.983  5.786   -3.561  1.00 18.82 ? 91   ARG A CB  1 
ATOM   337 C CG  . ARG A 1 77  ? -1.346  7.190   -3.576  1.00 20.00 ? 91   ARG A CG  1 
ATOM   338 C CD  . ARG A 1 77  ? -0.159  8.091   -3.767  1.00 18.45 ? 91   ARG A CD  1 
ATOM   339 N NE  . ARG A 1 77  ? -0.603  9.471   -3.921  1.00 23.80 ? 91   ARG A NE  1 
ATOM   340 C CZ  . ARG A 1 77  ? 0.174   10.539  -3.764  1.00 24.27 ? 91   ARG A CZ  1 
ATOM   341 N NH1 . ARG A 1 77  ? 1.460   10.415  -3.433  1.00 25.61 ? 91   ARG A NH1 1 
ATOM   342 N NH2 . ARG A 1 77  ? -0.334  11.740  -3.937  1.00 25.49 ? 91   ARG A NH2 1 
ATOM   343 N N   . MET A 1 78  ? -1.390  2.635   -2.759  1.00 20.76 ? 92   MET A N   1 
ATOM   344 C CA  . MET A 1 78  ? -1.140  1.209   -2.851  1.00 21.41 ? 92   MET A CA  1 
ATOM   345 C C   . MET A 1 78  ? -2.375  0.507   -3.373  1.00 21.41 ? 92   MET A C   1 
ATOM   346 O O   . MET A 1 78  ? -2.312  -0.383  -4.225  1.00 19.57 ? 92   MET A O   1 
ATOM   347 C CB  . MET A 1 78  ? -0.829  0.671   -1.451  1.00 21.24 ? 92   MET A CB  1 
ATOM   348 C CG  . MET A 1 78  ? -0.299  -0.727  -1.395  1.00 21.76 ? 92   MET A CG  1 
ATOM   349 S SD  . MET A 1 78  ? -0.389  -1.516  0.193   1.00 19.97 ? 92   MET A SD  1 
ATOM   350 C CE  . MET A 1 78  ? -2.127  -1.558  0.496   1.00 19.42 ? 92   MET A CE  1 
ATOM   351 N N   . GLN A 1 79  ? -3.497  0.871   -2.789  1.00 22.38 ? 93   GLN A N   1 
ATOM   352 C CA  . GLN A 1 79  ? -4.772  0.265   -3.081  1.00 22.87 ? 93   GLN A CA  1 
ATOM   353 C C   . GLN A 1 79  ? -5.199  0.497   -4.505  1.00 22.79 ? 93   GLN A C   1 
ATOM   354 O O   . GLN A 1 79  ? -5.669  -0.424  -5.145  1.00 21.94 ? 93   GLN A O   1 
ATOM   355 C CB  . GLN A 1 79  ? -5.786  0.899   -2.146  1.00 24.47 ? 93   GLN A CB  1 
ATOM   356 C CG  . GLN A 1 79  ? -7.091  0.155   -1.986  1.00 26.94 ? 93   GLN A CG  1 
ATOM   357 C CD  . GLN A 1 79  ? -8.015  0.860   -0.971  1.00 32.82 ? 93   GLN A CD  1 
ATOM   358 O OE1 . GLN A 1 79  ? -7.741  1.988   -0.619  1.00 34.85 ? 93   GLN A OE1 1 
ATOM   359 N NE2 . GLN A 1 79  ? -9.099  0.209   -0.529  1.00 30.28 ? 93   GLN A NE2 1 
ATOM   360 N N   . ILE A 1 80  ? -5.017  1.738   -4.979  1.00 23.77 ? 94   ILE A N   1 
ATOM   361 C CA  . ILE A 1 80  ? -5.225  2.136   -6.375  1.00 24.93 ? 94   ILE A CA  1 
ATOM   362 C C   . ILE A 1 80  ? -4.272  1.415   -7.316  1.00 24.53 ? 94   ILE A C   1 
ATOM   363 O O   . ILE A 1 80  ? -4.672  0.955   -8.359  1.00 23.10 ? 94   ILE A O   1 
ATOM   364 C CB  . ILE A 1 80  ? -5.002  3.612   -6.588  1.00 26.13 ? 94   ILE A CB  1 
ATOM   365 C CG1 . ILE A 1 80  ? -5.979  4.469   -5.770  1.00 28.12 ? 94   ILE A CG1 1 
ATOM   366 C CG2 . ILE A 1 80  ? -5.195  3.996   -8.049  1.00 26.73 ? 94   ILE A CG2 1 
ATOM   367 C CD1 . ILE A 1 80  ? -7.393  4.432   -6.303  1.00 35.89 ? 94   ILE A CD1 1 
ATOM   368 N N   . ASN A 1 81  ? -3.001  1.320   -6.956  1.00 24.50 ? 95   ASN A N   1 
ATOM   369 C CA  . ASN A 1 81  ? -2.087  0.469   -7.691  1.00 22.98 ? 95   ASN A CA  1 
ATOM   370 C C   . ASN A 1 81  ? -2.567  -0.971  -7.812  1.00 23.41 ? 95   ASN A C   1 
ATOM   371 O O   . ASN A 1 81  ? -2.450  -1.567  -8.881  1.00 22.44 ? 95   ASN A O   1 
ATOM   372 C CB  . ASN A 1 81  ? -0.672  0.586   -7.130  1.00 23.75 ? 95   ASN A CB  1 
ATOM   373 C CG  . ASN A 1 81  ? -0.014  1.868   -7.537  1.00 24.96 ? 95   ASN A CG  1 
ATOM   374 O OD1 . ASN A 1 81  ? -0.391  2.448   -8.543  1.00 28.78 ? 95   ASN A OD1 1 
ATOM   375 N ND2 . ASN A 1 81  ? 0.977   2.321   -6.788  1.00 22.69 ? 95   ASN A ND2 1 
ATOM   376 N N   . ALA A 1 82  ? -3.141  -1.533  -6.760  1.00 23.68 ? 96   ALA A N   1 
ATOM   377 C CA  . ALA A 1 82  ? -3.709  -2.908  -6.836  1.00 24.66 ? 96   ALA A CA  1 
ATOM   378 C C   . ALA A 1 82  ? -4.924  -2.895  -7.793  1.00 26.93 ? 96   ALA A C   1 
ATOM   379 O O   . ALA A 1 82  ? -5.119  -3.787  -8.631  1.00 26.40 ? 96   ALA A O   1 
ATOM   380 C CB  . ALA A 1 82  ? -4.129  -3.388  -5.476  1.00 21.76 ? 96   ALA A CB  1 
ATOM   381 N N   . SER A 1 83  ? -5.727  -1.858  -7.674  1.00 28.11 ? 97   SER A N   1 
ATOM   382 C CA  . SER A 1 83  ? -6.906  -1.749  -8.504  1.00 30.57 ? 97   SER A CA  1 
ATOM   383 C C   . SER A 1 83  ? -6.508  -1.720  -9.982  1.00 32.25 ? 97   SER A C   1 
ATOM   384 O O   . SER A 1 83  ? -7.142  -2.333  -10.824 1.00 33.64 ? 97   SER A O   1 
ATOM   385 C CB  . SER A 1 83  ? -7.629  -0.475  -8.119  1.00 31.28 ? 97   SER A CB  1 
ATOM   386 O OG  . SER A 1 83  ? -8.905  -0.463  -8.632  1.00 33.58 ? 97   SER A OG  1 
ATOM   387 N N   . LYS A 1 84  ? -5.427  -1.043  -10.317 1.00 33.23 ? 98   LYS A N   1 
ATOM   388 C CA  . LYS A 1 84  ? -4.995  -1.049  -11.695 1.00 34.87 ? 98   LYS A CA  1 
ATOM   389 C C   . LYS A 1 84  ? -4.624  -2.432  -12.252 1.00 35.14 ? 98   LYS A C   1 
ATOM   390 O O   . LYS A 1 84  ? -4.601  -2.606  -13.455 1.00 33.89 ? 98   LYS A O   1 
ATOM   391 C CB  . LYS A 1 84  ? -3.864  -0.042  -11.887 1.00 35.95 ? 98   LYS A CB  1 
ATOM   392 C CG  . LYS A 1 84  ? -4.461  1.391   -12.003 1.00 37.61 ? 98   LYS A CG  1 
ATOM   393 C CD  . LYS A 1 84  ? -3.519  2.532   -11.630 1.00 42.66 ? 98   LYS A CD  1 
ATOM   394 C CE  . LYS A 1 84  ? -2.050  2.171   -11.851 1.00 46.07 ? 98   LYS A CE  1 
ATOM   395 N NZ  . LYS A 1 84  ? -1.161  3.384   -11.995 1.00 48.34 ? 98   LYS A NZ  1 
ATOM   396 N N   . MET A 1 85  ? -4.338  -3.400  -11.372 1.00 34.44 ? 99   MET A N   1 
ATOM   397 C CA  . MET A 1 85  ? -4.022  -4.765  -11.783 1.00 34.35 ? 99   MET A CA  1 
ATOM   398 C C   . MET A 1 85  ? -5.279  -5.587  -11.745 1.00 34.20 ? 99   MET A C   1 
ATOM   399 O O   . MET A 1 85  ? -5.229  -6.784  -11.828 1.00 34.29 ? 99   MET A O   1 
ATOM   400 C CB  . MET A 1 85  ? -2.985  -5.390  -10.833 1.00 34.29 ? 99   MET A CB  1 
ATOM   401 C CG  . MET A 1 85  ? -1.695  -4.618  -10.773 1.00 36.13 ? 99   MET A CG  1 
ATOM   402 S SD  . MET A 1 85  ? -0.412  -5.414  -9.813  1.00 42.51 ? 99   MET A SD  1 
ATOM   403 C CE  . MET A 1 85  ? -1.267  -5.569  -8.271  1.00 41.11 ? 99   MET A CE  1 
ATOM   404 N N   . LYS A 1 86  ? -6.417  -4.941  -11.569 1.00 34.73 ? 100  LYS A N   1 
ATOM   405 C CA  . LYS A 1 86  ? -7.684  -5.634  -11.460 1.00 35.18 ? 100  LYS A CA  1 
ATOM   406 C C   . LYS A 1 86  ? -7.743  -6.518  -10.204 1.00 33.32 ? 100  LYS A C   1 
ATOM   407 O O   . LYS A 1 86  ? -8.429  -7.517  -10.166 1.00 33.94 ? 100  LYS A O   1 
ATOM   408 C CB  . LYS A 1 86  ? -7.994  -6.423  -12.747 1.00 36.64 ? 100  LYS A CB  1 
ATOM   409 C CG  . LYS A 1 86  ? -7.963  -5.581  -14.019 1.00 39.91 ? 100  LYS A CG  1 
ATOM   410 C CD  . LYS A 1 86  ? -8.208  -6.477  -15.282 1.00 47.08 ? 100  LYS A CD  1 
ATOM   411 C CE  . LYS A 1 86  ? -7.813  -5.809  -16.655 1.00 50.11 ? 100  LYS A CE  1 
ATOM   412 N NZ  . LYS A 1 86  ? -6.328  -5.582  -16.810 1.00 52.77 ? 100  LYS A NZ  1 
ATOM   413 N N   . ALA A 1 87  ? -7.058  -6.089  -9.163  1.00 30.92 ? 101  ALA A N   1 
ATOM   414 C CA  . ALA A 1 87  ? -7.145  -6.731  -7.896  1.00 29.78 ? 101  ALA A CA  1 
ATOM   415 C C   . ALA A 1 87  ? -8.504  -6.440  -7.276  1.00 29.70 ? 101  ALA A C   1 
ATOM   416 O O   . ALA A 1 87  ? -9.108  -5.397  -7.510  1.00 29.58 ? 101  ALA A O   1 
ATOM   417 C CB  . ALA A 1 87  ? -6.031  -6.249  -6.972  1.00 29.08 ? 101  ALA A CB  1 
ATOM   418 N N   . ASN A 1 88  ? -8.884  -7.407  -6.459  1.00 28.92 ? 102  ASN A N   1 
ATOM   419 C CA  . ASN A 1 88  ? -10.040 -7.574  -5.594  1.00 30.49 ? 102  ASN A CA  1 
ATOM   420 C C   . ASN A 1 88  ? -9.746  -7.083  -4.177  1.00 28.99 ? 102  ASN A C   1 
ATOM   421 O O   . ASN A 1 88  ? -10.645 -6.818  -3.388  1.00 28.42 ? 102  ASN A O   1 
ATOM   422 C CB  . ASN A 1 88  ? -10.082 -9.134  -5.326  1.00 31.19 ? 102  ASN A CB  1 
ATOM   423 C CG  . ASN A 1 88  ? -11.344 -9.720  -5.601  1.00 36.01 ? 102  ASN A CG  1 
ATOM   424 O OD1 . ASN A 1 88  ? -11.892 -10.470 -4.800  1.00 48.31 ? 102  ASN A OD1 1 
ATOM   425 N ND2 . ASN A 1 88  ? -11.838 -9.451  -6.764  1.00 44.74 ? 102  ASN A ND2 1 
ATOM   426 N N   . ALA A 1 89  ? -8.460  -7.180  -3.819  1.00 26.67 ? 103  ALA A N   1 
ATOM   427 C CA  . ALA A 1 89  ? -7.998  -7.112  -2.434  1.00 25.23 ? 103  ALA A CA  1 
ATOM   428 C C   . ALA A 1 89  ? -6.507  -6.842  -2.491  1.00 23.63 ? 103  ALA A C   1 
ATOM   429 O O   . ALA A 1 89  ? -5.908  -7.014  -3.558  1.00 22.57 ? 103  ALA A O   1 
ATOM   430 C CB  . ALA A 1 89  ? -8.252  -8.405  -1.730  1.00 23.44 ? 103  ALA A CB  1 
ATOM   431 N N   . VAL A 1 90  ? -5.948  -6.415  -1.359  1.00 22.97 ? 104  VAL A N   1 
ATOM   432 C CA  . VAL A 1 90  ? -4.526  -6.279  -1.122  1.00 22.04 ? 104  VAL A CA  1 
ATOM   433 C C   . VAL A 1 90  ? -4.259  -6.780  0.260   1.00 23.01 ? 104  VAL A C   1 
ATOM   434 O O   . VAL A 1 90  ? -5.016  -6.436  1.214   1.00 22.73 ? 104  VAL A O   1 
ATOM   435 C CB  . VAL A 1 90  ? -4.012  -4.801  -1.091  1.00 23.97 ? 104  VAL A CB  1 
ATOM   436 C CG1 . VAL A 1 90  ? -2.452  -4.770  -1.003  1.00 20.80 ? 104  VAL A CG1 1 
ATOM   437 C CG2 . VAL A 1 90  ? -4.421  -4.075  -2.261  1.00 23.88 ? 104  VAL A CG2 1 
ATOM   438 N N   . LEU A 1 91  ? -3.168  -7.561  0.406   1.00 22.12 ? 105  LEU A N   1 
ATOM   439 C CA  . LEU A 1 91  ? -2.601  -7.868  1.712   1.00 22.27 ? 105  LEU A CA  1 
ATOM   440 C C   . LEU A 1 91  ? -1.470  -6.925  2.012   1.00 22.10 ? 105  LEU A C   1 
ATOM   441 O O   . LEU A 1 91  ? -0.397  -6.954  1.364   1.00 21.38 ? 105  LEU A O   1 
ATOM   442 C CB  . LEU A 1 91  ? -2.046  -9.283  1.797   1.00 22.04 ? 105  LEU A CB  1 
ATOM   443 C CG  . LEU A 1 91  ? -1.596  -9.728  3.183   1.00 21.85 ? 105  LEU A CG  1 
ATOM   444 C CD1 . LEU A 1 91  ? -2.701  -9.703  4.220   1.00 24.14 ? 105  LEU A CD1 1 
ATOM   445 C CD2 . LEU A 1 91  ? -1.023  -11.082 3.023   1.00 25.05 ? 105  LEU A CD2 1 
ATOM   446 N N   . LEU A 1 92  ? -1.710  -6.083  3.011   1.00 21.18 ? 106  LEU A N   1 
ATOM   447 C CA  . LEU A 1 92  ? -0.773  -5.049  3.347   1.00 21.39 ? 106  LEU A CA  1 
ATOM   448 C C   . LEU A 1 92  ? 0.265   -5.758  4.163   1.00 21.13 ? 106  LEU A C   1 
ATOM   449 O O   . LEU A 1 92  ? -0.082  -6.459  5.112   1.00 22.50 ? 106  LEU A O   1 
ATOM   450 C CB  . LEU A 1 92  ? -1.458  -3.944  4.144   1.00 20.76 ? 106  LEU A CB  1 
ATOM   451 C CG  . LEU A 1 92  ? -0.574  -2.780  4.521   1.00 22.74 ? 106  LEU A CG  1 
ATOM   452 C CD1 . LEU A 1 92  ? -1.396  -1.482  4.448   1.00 25.33 ? 106  LEU A CD1 1 
ATOM   453 C CD2 . LEU A 1 92  ? -0.089  -2.996  5.943   1.00 24.55 ? 106  LEU A CD2 1 
ATOM   454 N N   . HIS A 1 93  ? 1.522   -5.626  3.767   1.00 20.12 ? 107  HIS A N   1 
ATOM   455 C CA  . HIS A 1 93  ? 2.611   -6.285  4.493   1.00 22.06 ? 107  HIS A CA  1 
ATOM   456 C C   . HIS A 1 93  ? 3.104   -5.376  5.583   1.00 22.52 ? 107  HIS A C   1 
ATOM   457 O O   . HIS A 1 93  ? 3.238   -5.764  6.754   1.00 21.87 ? 107  HIS A O   1 
ATOM   458 C CB  . HIS A 1 93  ? 3.795   -6.600  3.580   1.00 21.59 ? 107  HIS A CB  1 
ATOM   459 C CG  . HIS A 1 93  ? 3.450   -7.447  2.390   1.00 20.32 ? 107  HIS A CG  1 
ATOM   460 N ND1 . HIS A 1 93  ? 2.785   -8.645  2.496   1.00 19.81 ? 107  HIS A ND1 1 
ATOM   461 C CD2 . HIS A 1 93  ? 3.798   -7.323  1.092   1.00 20.92 ? 107  HIS A CD2 1 
ATOM   462 C CE1 . HIS A 1 93  ? 2.663   -9.179  1.297   1.00 20.57 ? 107  HIS A CE1 1 
ATOM   463 N NE2 . HIS A 1 93  ? 3.262   -8.386  0.425   1.00 19.04 ? 107  HIS A NE2 1 
ATOM   464 N N   . SER A 1 94  ? 3.341   -4.145  5.180   1.00 22.98 ? 108  SER A N   1 
ATOM   465 C CA  . SER A 1 94  ? 3.895   -3.184  6.068   1.00 25.17 ? 108  SER A CA  1 
ATOM   466 C C   . SER A 1 94  ? 3.822   -1.750  5.531   1.00 24.47 ? 108  SER A C   1 
ATOM   467 O O   . SER A 1 94  ? 3.803   -1.527  4.310   1.00 22.38 ? 108  SER A O   1 
ATOM   468 C CB  . SER A 1 94  ? 5.386   -3.515  6.280   1.00 26.24 ? 108  SER A CB  1 
ATOM   469 O OG  . SER A 1 94  ? 5.917   -2.792  7.381   1.00 33.58 ? 108  SER A OG  1 
ATOM   470 N N   . CYS A 1 95  ? 3.913   -0.797  6.473   1.00 24.61 ? 109  CYS A N   1 
ATOM   471 C CA  . CYS A 1 95  ? 4.188   0.573   6.156   1.00 24.21 ? 109  CYS A CA  1 
ATOM   472 C C   . CYS A 1 95  ? 5.296   1.128   7.006   1.00 25.04 ? 109  CYS A C   1 
ATOM   473 O O   . CYS A 1 95  ? 5.624   0.655   8.071   1.00 25.57 ? 109  CYS A O   1 
ATOM   474 C CB  . CYS A 1 95  ? 2.931   1.432   6.347   1.00 23.96 ? 109  CYS A CB  1 
ATOM   475 S SG  . CYS A 1 95  ? 1.388   0.864   5.593   1.00 23.23 ? 109  CYS A SG  1 
ATOM   476 N N   . GLU A 1 96  ? 5.896   2.179   6.539   1.00 25.98 ? 110  GLU A N   1 
ATOM   477 C CA  . GLU A 1 96  ? 6.969   2.771   7.310   1.00 27.07 ? 110  GLU A CA  1 
ATOM   478 C C   . GLU A 1 96  ? 7.093   4.226   6.955   1.00 26.18 ? 110  GLU A C   1 
ATOM   479 O O   . GLU A 1 96  ? 6.850   4.589   5.792   1.00 23.96 ? 110  GLU A O   1 
ATOM   480 C CB  . GLU A 1 96  ? 8.258   2.067   6.940   1.00 28.53 ? 110  GLU A CB  1 
ATOM   481 C CG  . GLU A 1 96  ? 9.209   1.920   8.048   1.00 35.02 ? 110  GLU A CG  1 
ATOM   482 C CD  . GLU A 1 96  ? 10.556  1.444   7.541   1.00 43.48 ? 110  GLU A CD  1 
ATOM   483 O OE1 . GLU A 1 96  ? 10.796  1.552   6.292   1.00 46.83 ? 110  GLU A OE1 1 
ATOM   484 O OE2 . GLU A 1 96  ? 11.352  1.008   8.397   1.00 44.69 ? 110  GLU A OE2 1 
ATOM   485 N N   . VAL A 1 97  ? 7.441   5.054   7.961   1.00 25.98 ? 111  VAL A N   1 
ATOM   486 C CA  . VAL A 1 97  ? 7.841   6.455   7.758   1.00 25.87 ? 111  VAL A CA  1 
ATOM   487 C C   . VAL A 1 97  ? 9.344   6.451   7.731   1.00 27.86 ? 111  VAL A C   1 
ATOM   488 O O   . VAL A 1 97  ? 9.977   5.963   8.674   1.00 26.78 ? 111  VAL A O   1 
ATOM   489 C CB  . VAL A 1 97  ? 7.272   7.397   8.848   1.00 25.67 ? 111  VAL A CB  1 
ATOM   490 C CG1 . VAL A 1 97  ? 7.724   8.789   8.638   1.00 23.36 ? 111  VAL A CG1 1 
ATOM   491 C CG2 . VAL A 1 97  ? 5.707   7.384   8.847   1.00 24.53 ? 111  VAL A CG2 1 
ATOM   492 N N   . THR A 1 98  ? 9.920   6.949   6.637   1.00 29.65 ? 112  THR A N   1 
ATOM   493 C CA  . THR A 1 98  ? 11.371  6.998   6.457   1.00 32.95 ? 112  THR A CA  1 
ATOM   494 C C   . THR A 1 98  ? 11.903  8.423   6.192   1.00 34.71 ? 112  THR A C   1 
ATOM   495 O O   . THR A 1 98  ? 11.225  9.284   5.630   1.00 32.76 ? 112  THR A O   1 
ATOM   496 C CB  . THR A 1 98  ? 11.847  6.099   5.252   1.00 33.59 ? 112  THR A CB  1 
ATOM   497 O OG1 . THR A 1 98  ? 11.215  4.834   5.314   1.00 38.25 ? 112  THR A OG1 1 
ATOM   498 C CG2 . THR A 1 98  ? 13.328  5.821   5.313   1.00 35.49 ? 112  THR A CG2 1 
ATOM   499 N N   . SER A 1 99  ? 13.134  8.642   6.623   1.00 37.94 ? 113  SER A N   1 
ATOM   500 C CA  . SER A 1 99  ? 13.871  9.869   6.417   1.00 41.70 ? 113  SER A CA  1 
ATOM   501 C C   . SER A 1 99  ? 14.870  9.790   5.252   1.00 43.80 ? 113  SER A C   1 
ATOM   502 O O   . SER A 1 99  ? 15.332  10.852  4.763   1.00 45.68 ? 113  SER A O   1 
ATOM   503 C CB  . SER A 1 99  ? 14.704  10.161  7.658   1.00 42.20 ? 113  SER A CB  1 
ATOM   504 O OG  . SER A 1 99  ? 15.860  9.325   7.637   1.00 45.71 ? 113  SER A OG  1 
ATOM   505 N N   . GLY A 1 100 ? 15.203  8.570   4.817   1.00 45.65 ? 114  GLY A N   1 
ATOM   506 C CA  . GLY A 1 100 ? 16.226  8.363   3.778   1.00 47.49 ? 114  GLY A CA  1 
ATOM   507 C C   . GLY A 1 100 ? 15.908  8.766   2.312   1.00 49.10 ? 114  GLY A C   1 
ATOM   508 O O   . GLY A 1 100 ? 16.826  9.264   1.602   1.00 50.48 ? 114  GLY A O   1 
ATOM   509 N N   . THR A 1 101 ? 14.644  8.548   1.868   1.00 48.40 ? 115  THR A N   1 
ATOM   510 C CA  . THR A 1 101 ? 14.218  8.681   0.458   1.00 47.76 ? 115  THR A CA  1 
ATOM   511 C C   . THR A 1 101 ? 14.848  9.801   -0.356  1.00 45.94 ? 115  THR A C   1 
ATOM   512 O O   . THR A 1 101 ? 14.794  10.951  0.036   1.00 45.37 ? 115  THR A O   1 
ATOM   513 C CB  . THR A 1 101 ? 12.747  9.013   0.322   1.00 47.69 ? 115  THR A CB  1 
ATOM   514 O OG1 . THR A 1 101 ? 12.143  8.995   1.607   1.00 50.85 ? 115  THR A OG1 1 
ATOM   515 C CG2 . THR A 1 101 ? 12.061  8.041   -0.654  1.00 48.82 ? 115  THR A CG2 1 
ATOM   516 N N   . PRO A 1 102 ? 15.358  9.456   -1.542  1.00 44.54 ? 116  PRO A N   1 
ATOM   517 C CA  . PRO A 1 102 ? 15.750  10.428  -2.563  1.00 43.41 ? 116  PRO A CA  1 
ATOM   518 C C   . PRO A 1 102 ? 14.874  11.653  -2.733  1.00 41.45 ? 116  PRO A C   1 
ATOM   519 O O   . PRO A 1 102 ? 15.390  12.721  -2.719  1.00 43.69 ? 116  PRO A O   1 
ATOM   520 C CB  . PRO A 1 102 ? 15.804  9.589   -3.837  1.00 43.34 ? 116  PRO A CB  1 
ATOM   521 C CG  . PRO A 1 102 ? 16.396  8.305   -3.330  1.00 44.33 ? 116  PRO A CG  1 
ATOM   522 C CD  . PRO A 1 102 ? 15.792  8.093   -1.921  1.00 44.56 ? 116  PRO A CD  1 
ATOM   523 N N   . GLY A 1 103 ? 13.585  11.619  -2.874  1.00 39.22 ? 117  GLY A N   1 
ATOM   524 C CA  . GLY A 1 103 ? 13.017  12.976  -3.100  1.00 37.32 ? 117  GLY A CA  1 
ATOM   525 C C   . GLY A 1 103 ? 12.405  13.697  -1.924  1.00 34.77 ? 117  GLY A C   1 
ATOM   526 O O   . GLY A 1 103 ? 11.704  14.728  -2.088  1.00 34.52 ? 117  GLY A O   1 
ATOM   527 N N   . CYS A 1 104 ? 12.607  13.149  -0.737  1.00 32.24 ? 118  CYS A N   1 
ATOM   528 C CA  . CYS A 1 104 ? 11.732  13.461  0.384   1.00 30.36 ? 118  CYS A CA  1 
ATOM   529 C C   . CYS A 1 104 ? 12.479  13.631  1.672   1.00 30.49 ? 118  CYS A C   1 
ATOM   530 O O   . CYS A 1 104 ? 13.243  12.750  2.111   1.00 30.54 ? 118  CYS A O   1 
ATOM   531 C CB  . CYS A 1 104 ? 10.727  12.327  0.587   1.00 28.86 ? 118  CYS A CB  1 
ATOM   532 S SG  . CYS A 1 104 ? 9.847   11.796  -0.843  1.00 27.56 ? 118  CYS A SG  1 
ATOM   533 N N   . TYR A 1 105 ? 12.211  14.753  2.300   1.00 31.27 ? 119  TYR A N   1 
ATOM   534 C CA  . TYR A 1 105 ? 12.583  14.952  3.698   1.00 31.26 ? 119  TYR A CA  1 
ATOM   535 C C   . TYR A 1 105 ? 12.064  13.810  4.547   1.00 30.78 ? 119  TYR A C   1 
ATOM   536 O O   . TYR A 1 105 ? 12.855  13.170  5.246   1.00 29.47 ? 119  TYR A O   1 
ATOM   537 C CB  . TYR A 1 105 ? 12.041  16.281  4.204   1.00 31.70 ? 119  TYR A CB  1 
ATOM   538 C CG  . TYR A 1 105 ? 12.286  16.462  5.655   1.00 35.25 ? 119  TYR A CG  1 
ATOM   539 C CD1 . TYR A 1 105 ? 13.581  16.434  6.162   1.00 40.94 ? 119  TYR A CD1 1 
ATOM   540 C CD2 . TYR A 1 105 ? 11.231  16.660  6.529   1.00 39.82 ? 119  TYR A CD2 1 
ATOM   541 C CE1 . TYR A 1 105 ? 13.809  16.586  7.524   1.00 45.84 ? 119  TYR A CE1 1 
ATOM   542 C CE2 . TYR A 1 105 ? 11.432  16.815  7.892   1.00 42.58 ? 119  TYR A CE2 1 
ATOM   543 C CZ  . TYR A 1 105 ? 12.716  16.781  8.385   1.00 45.58 ? 119  TYR A CZ  1 
ATOM   544 O OH  . TYR A 1 105 ? 12.910  16.929  9.733   1.00 51.27 ? 119  TYR A OH  1 
ATOM   545 N N   . ARG A 1 106 ? 10.739  13.565  4.494   1.00 29.79 ? 120  ARG A N   1 
ATOM   546 C CA  . ARG A 1 106 ? 10.153  12.330  4.991   1.00 29.87 ? 120  ARG A CA  1 
ATOM   547 C C   . ARG A 1 106 ? 9.199   11.720  3.968   1.00 28.55 ? 120  ARG A C   1 
ATOM   548 O O   . ARG A 1 106 ? 8.531   12.427  3.225   1.00 28.26 ? 120  ARG A O   1 
ATOM   549 C CB  . ARG A 1 106 ? 9.377   12.537  6.297   1.00 30.72 ? 120  ARG A CB  1 
ATOM   550 C CG  . ARG A 1 106 ? 10.169  13.100  7.405   1.00 35.86 ? 120  ARG A CG  1 
ATOM   551 C CD  . ARG A 1 106 ? 10.552  12.107  8.514   1.00 41.36 ? 120  ARG A CD  1 
ATOM   552 N NE  . ARG A 1 106 ? 11.484  12.716  9.476   1.00 45.85 ? 120  ARG A NE  1 
ATOM   553 C CZ  . ARG A 1 106 ? 12.784  12.946  9.255   1.00 50.32 ? 120  ARG A CZ  1 
ATOM   554 N NH1 . ARG A 1 106 ? 13.338  12.658  8.086   1.00 52.79 ? 120  ARG A NH1 1 
ATOM   555 N NH2 . ARG A 1 106 ? 13.553  13.499  10.204  1.00 50.93 ? 120  ARG A NH2 1 
ATOM   556 N N   . GLN A 1 107 ? 9.080   10.402  4.034   1.00 28.08 ? 121  GLN A N   1 
ATOM   557 C CA  . GLN A 1 107 ? 8.180   9.619   3.184   1.00 27.57 ? 121  GLN A CA  1 
ATOM   558 C C   . GLN A 1 107 ? 7.431   8.549   3.986   1.00 25.65 ? 121  GLN A C   1 
ATOM   559 O O   . GLN A 1 107 ? 8.025   7.878   4.816   1.00 26.42 ? 121  GLN A O   1 
ATOM   560 C CB  . GLN A 1 107 ? 9.050   8.940   2.139   1.00 28.46 ? 121  GLN A CB  1 
ATOM   561 C CG  . GLN A 1 107 ? 8.308   8.283   1.041   1.00 32.90 ? 121  GLN A CG  1 
ATOM   562 C CD  . GLN A 1 107 ? 9.132   7.198   0.348   1.00 37.85 ? 121  GLN A CD  1 
ATOM   563 O OE1 . GLN A 1 107 ? 9.834   6.391   0.992   1.00 39.91 ? 121  GLN A OE1 1 
ATOM   564 N NE2 . GLN A 1 107 ? 9.044   7.181   -0.978  1.00 40.33 ? 121  GLN A NE2 1 
ATOM   565 N N   . ALA A 1 108 ? 6.127   8.403   3.746   1.00 23.59 ? 122  ALA A N   1 
ATOM   566 C CA  . ALA A 1 108 ? 5.382   7.257   4.182   1.00 22.24 ? 122  ALA A CA  1 
ATOM   567 C C   . ALA A 1 108 ? 5.242   6.359   2.952   1.00 22.45 ? 122  ALA A C   1 
ATOM   568 O O   . ALA A 1 108 ? 4.988   6.838   1.825   1.00 23.04 ? 122  ALA A O   1 
ATOM   569 C CB  . ALA A 1 108 ? 4.044   7.655   4.744   1.00 20.95 ? 122  ALA A CB  1 
ATOM   570 N N   . VAL A 1 109 ? 5.495   5.077   3.149   1.00 22.40 ? 123  VAL A N   1 
ATOM   571 C CA  . VAL A 1 109 ? 5.331   4.061   2.099   1.00 21.86 ? 123  VAL A CA  1 
ATOM   572 C C   . VAL A 1 109 ? 4.637   2.848   2.710   1.00 20.14 ? 123  VAL A C   1 
ATOM   573 O O   . VAL A 1 109 ? 4.946   2.461   3.837   1.00 20.71 ? 123  VAL A O   1 
ATOM   574 C CB  . VAL A 1 109 ? 6.678   3.634   1.529   1.00 22.43 ? 123  VAL A CB  1 
ATOM   575 C CG1 . VAL A 1 109 ? 7.600   3.069   2.683   1.00 25.65 ? 123  VAL A CG1 1 
ATOM   576 C CG2 . VAL A 1 109 ? 6.470   2.620   0.419   1.00 19.89 ? 123  VAL A CG2 1 
ATOM   577 N N   . CYS A 1 110 ? 3.654   2.302   2.003   1.00 18.71 ? 124  CYS A N   1 
ATOM   578 C CA  . CYS A 1 110 ? 2.994   1.059   2.367   1.00 18.50 ? 124  CYS A CA  1 
ATOM   579 C C   . CYS A 1 110 ? 3.183   0.081   1.204   1.00 18.89 ? 124  CYS A C   1 
ATOM   580 O O   . CYS A 1 110 ? 3.017   0.438   0.042   1.00 19.13 ? 124  CYS A O   1 
ATOM   581 C CB  . CYS A 1 110 ? 1.477   1.277   2.579   1.00 17.04 ? 124  CYS A CB  1 
ATOM   582 S SG  . CYS A 1 110 ? 0.973   2.178   4.110   1.00 20.05 ? 124  CYS A SG  1 
ATOM   583 N N   . ILE A 1 111 ? 3.414   -1.176  1.546   1.00 19.84 ? 125  ILE A N   1 
ATOM   584 C CA  . ILE A 1 111 ? 3.587   -2.243  0.580   1.00 19.94 ? 125  ILE A CA  1 
ATOM   585 C C   . ILE A 1 111 ? 2.697   -3.448  0.858   1.00 19.54 ? 125  ILE A C   1 
ATOM   586 O O   . ILE A 1 111 ? 2.400   -3.798  2.018   1.00 20.26 ? 125  ILE A O   1 
ATOM   587 C CB  . ILE A 1 111 ? 5.049   -2.724  0.509   1.00 19.45 ? 125  ILE A CB  1 
ATOM   588 C CG1 . ILE A 1 111 ? 5.542   -3.209  1.865   1.00 22.26 ? 125  ILE A CG1 1 
ATOM   589 C CG2 . ILE A 1 111 ? 6.000   -1.625  0.009   1.00 19.61 ? 125  ILE A CG2 1 
ATOM   590 C CD1 . ILE A 1 111 ? 7.071   -3.594  1.814   1.00 24.82 ? 125  ILE A CD1 1 
ATOM   591 N N   . GLY A 1 112 ? 2.340   -4.118  -0.227  1.00 18.93 ? 126  GLY A N   1 
ATOM   592 C CA  . GLY A 1 112 ? 1.422   -5.242  -0.172  1.00 19.46 ? 126  GLY A CA  1 
ATOM   593 C C   . GLY A 1 112 ? 1.309   -6.060  -1.452  1.00 18.23 ? 126  GLY A C   1 
ATOM   594 O O   . GLY A 1 112 ? 1.922   -5.734  -2.457  1.00 17.77 ? 126  GLY A O   1 
ATOM   595 N N   . SER A 1 113 ? 0.502   -7.117  -1.382  1.00 18.44 ? 127  SER A N   1 
ATOM   596 C CA  . SER A 1 113 ? 0.281   -8.070  -2.472  1.00 17.78 ? 127  SER A CA  1 
ATOM   597 C C   . SER A 1 113 ? -1.096  -7.849  -2.988  1.00 17.35 ? 127  SER A C   1 
ATOM   598 O O   . SER A 1 113 ? -2.111  -7.941  -2.247  1.00 18.40 ? 127  SER A O   1 
ATOM   599 C CB  . SER A 1 113 ? 0.513   -9.538  -2.011  1.00 18.32 ? 127  SER A CB  1 
ATOM   600 O OG  . SER A 1 113 ? 1.870   -9.759  -1.601  1.00 19.70 ? 127  SER A OG  1 
ATOM   601 N N   . ALA A 1 114 ? -1.151  -7.485  -4.262  1.00 17.87 ? 128  ALA A N   1 
ATOM   602 C CA  . ALA A 1 114 ? -2.407  -7.285  -4.943  1.00 17.46 ? 128  ALA A CA  1 
ATOM   603 C C   . ALA A 1 114 ? -2.969  -8.654  -5.232  1.00 18.76 ? 128  ALA A C   1 
ATOM   604 O O   . ALA A 1 114 ? -2.250  -9.548  -5.704  1.00 19.41 ? 128  ALA A O   1 
ATOM   605 C CB  . ALA A 1 114 ? -2.207  -6.521  -6.219  1.00 17.87 ? 128  ALA A CB  1 
ATOM   606 N N   . LEU A 1 115 ? -4.255  -8.843  -4.980  1.00 19.16 ? 129  LEU A N   1 
ATOM   607 C CA  . LEU A 1 115 ? -4.829  -10.177 -4.994  1.00 20.52 ? 129  LEU A CA  1 
ATOM   608 C C   . LEU A 1 115 ? -6.206  -10.171 -5.654  1.00 22.97 ? 129  LEU A C   1 
ATOM   609 O O   . LEU A 1 115 ? -6.910  -9.158  -5.646  1.00 20.56 ? 129  LEU A O   1 
ATOM   610 C CB  . LEU A 1 115 ? -5.031  -10.676 -3.593  1.00 20.50 ? 129  LEU A CB  1 
ATOM   611 C CG  . LEU A 1 115 ? -4.026  -10.674 -2.437  1.00 20.74 ? 129  LEU A CG  1 
ATOM   612 C CD1 . LEU A 1 115 ? -4.812  -11.245 -1.276  1.00 19.96 ? 129  LEU A CD1 1 
ATOM   613 C CD2 . LEU A 1 115 ? -2.755  -11.483 -2.783  1.00 17.22 ? 129  LEU A CD2 1 
ATOM   614 N N   . ASN A 1 116 ? -6.545  -11.334 -6.227  1.00 25.96 ? 130  ASN A N   1 
ATOM   615 C CA  . ASN A 1 116 ? -7.858  -11.643 -6.731  1.00 27.29 ? 130  ASN A CA  1 
ATOM   616 C C   . ASN A 1 116 ? -8.340  -12.797 -5.885  1.00 29.17 ? 130  ASN A C   1 
ATOM   617 O O   . ASN A 1 116 ? -7.847  -13.946 -5.995  1.00 27.42 ? 130  ASN A O   1 
ATOM   618 C CB  . ASN A 1 116 ? -7.750  -12.015 -8.211  1.00 28.83 ? 130  ASN A CB  1 
ATOM   619 C CG  . ASN A 1 116 ? -9.097  -12.158 -8.908  1.00 34.14 ? 130  ASN A CG  1 
ATOM   620 O OD1 . ASN A 1 116 ? -10.167 -12.211 -8.283  1.00 37.82 ? 130  ASN A OD1 1 
ATOM   621 N ND2 . ASN A 1 116 ? -9.042  -12.256 -10.221 1.00 40.01 ? 130  ASN A ND2 1 
ATOM   622 N N   . ILE A 1 117 ? -9.237  -12.480 -4.967  1.00 31.00 ? 131  ILE A N   1 
ATOM   623 C CA  . ILE A 1 117 ? -9.903  -13.485 -4.196  1.00 33.55 ? 131  ILE A CA  1 
ATOM   624 C C   . ILE A 1 117 ? -11.160 -13.895 -4.976  1.00 37.15 ? 131  ILE A C   1 
ATOM   625 O O   . ILE A 1 117 ? -12.039 -13.080 -5.248  1.00 36.95 ? 131  ILE A O   1 
ATOM   626 C CB  . ILE A 1 117 ? -10.261 -12.980 -2.851  1.00 33.46 ? 131  ILE A CB  1 
ATOM   627 C CG1 . ILE A 1 117 ? -9.018  -12.361 -2.214  1.00 32.28 ? 131  ILE A CG1 1 
ATOM   628 C CG2 . ILE A 1 117 ? -10.896 -14.113 -1.999  1.00 32.66 ? 131  ILE A CG2 1 
ATOM   629 C CD1 . ILE A 1 117 ? -9.152  -12.134 -0.746  1.00 34.11 ? 131  ILE A CD1 1 
ATOM   630 N N   . THR A 1 118 ? -11.218 -15.179 -5.314  1.00 41.38 ? 132  THR A N   1 
ATOM   631 C CA  . THR A 1 118 ? -12.092 -15.723 -6.387  1.00 43.91 ? 132  THR A CA  1 
ATOM   632 C C   . THR A 1 118 ? -13.317 -16.462 -5.835  1.00 44.94 ? 132  THR A C   1 
ATOM   633 O O   . THR A 1 118 ? -13.264 -17.037 -4.725  1.00 46.07 ? 132  THR A O   1 
ATOM   634 C CB  . THR A 1 118 ? -11.227 -16.689 -7.288  1.00 44.92 ? 132  THR A CB  1 
ATOM   635 O OG1 . THR A 1 118 ? -10.649 -17.755 -6.488  1.00 45.23 ? 132  THR A OG1 1 
ATOM   636 C CG2 . THR A 1 118 ? -10.051 -15.902 -7.962  1.00 45.55 ? 132  THR A CG2 1 
HETATM 637 I I3  . I3C B 2 .   ? 7.380   -7.878  1.741   1.00 34.57 ? 1133 I3C A I3  1 
HETATM 638 I I2  . I3C B 2 .   ? 7.787   -6.585  7.602   1.00 42.36 ? 1133 I3C A I2  1 
HETATM 639 I I1  . I3C B 2 .   ? 6.085   -12.064 5.831   1.00 32.17 ? 1133 I3C A I1  1 
HETATM 640 O O8  . I3C B 2 .   ? 7.491   -11.336 2.438   1.00 34.67 ? 1133 I3C A O8  1 
HETATM 641 O O9  . I3C B 2 .   ? 5.251   -11.011 2.642   1.00 34.81 ? 1133 I3C A O9  1 
HETATM 642 C C10 . I3C B 2 .   ? 6.868   -9.661  7.751   1.00 32.57 ? 1133 I3C A C10 1 
HETATM 643 N N13 . I3C B 2 .   ? 7.849   -6.289  4.310   1.00 31.10 ? 1133 I3C A N13 1 
HETATM 644 C C1  . I3C B 2 .   ? 6.784   -9.769  4.008   1.00 32.73 ? 1133 I3C A C1  1 
HETATM 645 C C6  . I3C B 2 .   ? 7.187   -8.480  3.697   1.00 31.38 ? 1133 I3C A C6  1 
HETATM 646 C C5  . I3C B 2 .   ? 7.470   -7.520  4.676   1.00 33.87 ? 1133 I3C A C5  1 
HETATM 647 C C4  . I3C B 2 .   ? 7.362   -7.918  5.986   1.00 35.50 ? 1133 I3C A C4  1 
HETATM 648 C C3  . I3C B 2 .   ? 6.933   -9.209  6.305   1.00 33.36 ? 1133 I3C A C3  1 
HETATM 649 C C2  . I3C B 2 .   ? 6.673   -10.141 5.307   1.00 32.22 ? 1133 I3C A C2  1 
HETATM 650 C C7  . I3C B 2 .   ? 6.473   -10.786 2.933   1.00 34.81 ? 1133 I3C A C7  1 
HETATM 651 O O11 . I3C B 2 .   ? 5.806   -9.794  8.388   1.00 35.32 ? 1133 I3C A O11 1 
HETATM 652 O O12 . I3C B 2 .   ? 8.001   -9.964  8.191   1.00 34.56 ? 1133 I3C A O12 1 
HETATM 653 S S   . SO4 C 3 .   ? 3.112   13.548  -2.973  1.00 34.76 ? 1134 SO4 A S   1 
HETATM 654 O O1  . SO4 C 3 .   ? 2.643   14.576  -2.056  1.00 35.60 ? 1134 SO4 A O1  1 
HETATM 655 O O2  . SO4 C 3 .   ? 4.340   14.102  -3.527  1.00 37.78 ? 1134 SO4 A O2  1 
HETATM 656 O O3  . SO4 C 3 .   ? 3.589   12.338  -2.278  1.00 31.47 ? 1134 SO4 A O3  1 
HETATM 657 O O4  . SO4 C 3 .   ? 2.095   13.361  -4.007  1.00 35.36 ? 1134 SO4 A O4  1 
HETATM 658 O O   . HOH D 4 .   ? -10.619 -2.132  3.031   1.00 37.43 ? 2001 HOH A O   1 
HETATM 659 O O   . HOH D 4 .   ? 0.005   -8.626  6.797   1.00 41.37 ? 2002 HOH A O   1 
HETATM 660 O O   . HOH D 4 .   ? 0.392   -11.789 8.358   1.00 39.23 ? 2003 HOH A O   1 
HETATM 661 O O   . HOH D 4 .   ? -9.735  -16.553 7.694   1.00 44.09 ? 2004 HOH A O   1 
HETATM 662 O O   . HOH D 4 .   ? -5.842  -18.385 1.352   1.00 25.53 ? 2005 HOH A O   1 
HETATM 663 O O   . HOH D 4 .   ? -16.291 -15.107 2.506   0.50 30.56 ? 2006 HOH A O   1 
HETATM 664 O O   . HOH D 4 .   ? -11.619 -17.394 -2.498  1.00 39.50 ? 2007 HOH A O   1 
HETATM 665 O O   . HOH D 4 .   ? -6.680  -13.040 -12.243 1.00 38.00 ? 2008 HOH A O   1 
HETATM 666 O O   . HOH D 4 .   ? -11.182 -14.292 -11.686 1.00 51.35 ? 2009 HOH A O   1 
HETATM 667 O O   . HOH D 4 .   ? 4.007   -11.296 -5.101  1.00 24.21 ? 2010 HOH A O   1 
HETATM 668 O O   . HOH D 4 .   ? 2.973   -2.840  -8.725  1.00 25.10 ? 2011 HOH A O   1 
HETATM 669 O O   . HOH D 4 .   ? 2.553   -0.360  -7.060  1.00 20.82 ? 2012 HOH A O   1 
HETATM 670 O O   . HOH D 4 .   ? 6.931   -3.331  -3.171  1.00 45.96 ? 2013 HOH A O   1 
HETATM 671 O O   . HOH D 4 .   ? 2.763   6.253   -4.644  1.00 24.12 ? 2014 HOH A O   1 
HETATM 672 O O   . HOH D 4 .   ? 3.838   8.856   -5.753  0.50 25.93 ? 2015 HOH A O   1 
HETATM 673 O O   . HOH D 4 .   ? 0.816   12.764  0.025   1.00 30.24 ? 2016 HOH A O   1 
HETATM 674 O O   . HOH D 4 .   ? 7.190   18.505  9.594   1.00 50.06 ? 2017 HOH A O   1 
HETATM 675 O O   . HOH D 4 .   ? 7.328   15.167  9.306   1.00 43.94 ? 2018 HOH A O   1 
HETATM 676 O O   . HOH D 4 .   ? 11.260  24.116  0.715   1.00 20.37 ? 2019 HOH A O   1 
HETATM 677 O O   . HOH D 4 .   ? -2.862  14.123  -2.340  1.00 48.86 ? 2020 HOH A O   1 
HETATM 678 O O   . HOH D 4 .   ? 8.098   23.015  -0.107  1.00 28.91 ? 2021 HOH A O   1 
HETATM 679 O O   . HOH D 4 .   ? 5.834   17.873  0.254   1.00 29.00 ? 2022 HOH A O   1 
HETATM 680 O O   . HOH D 4 .   ? 5.891   21.333  8.041   1.00 48.34 ? 2023 HOH A O   1 
HETATM 681 O O   . HOH D 4 .   ? 3.854   17.377  1.889   1.00 35.53 ? 2024 HOH A O   1 
HETATM 682 O O   . HOH D 4 .   ? 2.243   20.346  2.206   1.00 45.14 ? 2025 HOH A O   1 
HETATM 683 O O   . HOH D 4 .   ? 1.214   14.980  3.091   1.00 33.67 ? 2026 HOH A O   1 
HETATM 684 O O   . HOH D 4 .   ? 1.868   12.376  9.211   1.00 25.80 ? 2027 HOH A O   1 
HETATM 685 O O   . HOH D 4 .   ? -1.816  13.495  -0.071  1.00 45.93 ? 2028 HOH A O   1 
HETATM 686 O O   . HOH D 4 .   ? -7.876  -2.263  6.382   1.00 44.87 ? 2029 HOH A O   1 
HETATM 687 O O   . HOH D 4 .   ? -9.844  0.148   6.302   1.00 41.34 ? 2030 HOH A O   1 
HETATM 688 O O   . HOH D 4 .   ? -3.242  10.378  -5.452  1.00 43.99 ? 2031 HOH A O   1 
HETATM 689 O O   . HOH D 4 .   ? -2.043  13.829  -5.365  1.00 46.74 ? 2032 HOH A O   1 
HETATM 690 O O   . HOH D 4 .   ? -1.518  5.195   -7.004  1.00 21.85 ? 2033 HOH A O   1 
HETATM 691 O O   . HOH D 4 .   ? -0.429  -1.158  -10.429 1.00 37.88 ? 2034 HOH A O   1 
HETATM 692 O O   . HOH D 4 .   ? -10.100 -3.355  -9.092  1.00 50.31 ? 2035 HOH A O   1 
HETATM 693 O O   . HOH D 4 .   ? -12.592 -9.107  -1.853  1.00 40.05 ? 2036 HOH A O   1 
HETATM 694 O O   . HOH D 4 .   ? 2.527   -9.807  4.982   1.00 29.67 ? 2037 HOH A O   1 
HETATM 695 O O   . HOH D 4 .   ? 14.451  6.494   8.498   1.00 42.20 ? 2038 HOH A O   1 
HETATM 696 O O   . HOH D 4 .   ? 15.615  14.566  0.925   1.00 53.52 ? 2039 HOH A O   1 
HETATM 697 O O   . HOH D 4 .   ? 16.512  14.321  9.879   1.00 53.39 ? 2040 HOH A O   1 
HETATM 698 O O   . HOH D 4 .   ? -7.688  -10.354 -11.948 1.00 42.73 ? 2041 HOH A O   1 
HETATM 699 O O   . HOH D 4 .   ? -15.544 -18.353 -5.458  1.00 54.63 ? 2042 HOH A O   1 
HETATM 700 O O   . HOH D 4 .   ? 2.749   -12.091 2.611   1.00 22.70 ? 2043 HOH A O   1 
HETATM 701 O O   . HOH D 4 .   ? 3.734   -8.657  6.979   1.00 36.85 ? 2044 HOH A O   1 
HETATM 702 O O   . HOH D 4 .   ? 5.972   15.819  -2.643  1.00 27.68 ? 2045 HOH A O   1 
HETATM 703 O O   . HOH D 4 .   ? 2.968   13.290  -6.539  1.00 29.28 ? 2046 HOH A O   1 
# 
